data_9KY3
#
_entry.id   9KY3
#
_cell.length_a   61.553
_cell.length_b   90.429
_cell.length_c   74.637
_cell.angle_alpha   90.000
_cell.angle_beta   109.264
_cell.angle_gamma   90.000
#
_symmetry.space_group_name_H-M   'P 1 21 1'
#
loop_
_entity.id
_entity.type
_entity.pdbx_description
1 polymer 'Tryptophan--tRNA ligase'
2 non-polymer '(6~{R})-7-thia-2-azatricyclo[6.3.1.0^{4,12}]dodeca-1(11),3,8(12),9-tetraene-6-carboxylic acid'
3 non-polymer 'SULFATE ION'
4 non-polymer "TRYPTOPHANYL-5'AMP"
5 water water
#
_entity_poly.entity_id   1
_entity_poly.type   'polypeptide(L)'
_entity_poly.pdbx_seq_one_letter_code
;MTKPIVFSGAQPSGELTIGNYMGALRQWVNMQDDYHCIYCIVDQHAITVRQDAQKLRKATLDTLALYLACGIDPEKSTIF
VQSHVPEHAQLGWALNCYTYFGELSRMTQFKDKSARYAENINAGLFDYPVLMAADILLYQTNLVPVGEDQKQHLELSRDI
AQRFNALYGEIFKVPEPFIPKSGARVMSLLEPTKKMSKSDDNRNNVIGLLEDPKSVVKKIKRAVTDSDEPPVVRYDVQNK
AGVSNLLDILSAVTGQSIPELEKQFEGKMYGHLKGEVADAVSGMLTELQERYHRFRNDEAFLQQVMKDGAEKASAHASRT
LKAVYEAIGFVAKPHHHHHH
;
_entity_poly.pdbx_strand_id   A,B
#
loop_
_chem_comp.id
_chem_comp.type
_chem_comp.name
_chem_comp.formula
A1EHM non-polymer '(6~{R})-7-thia-2-azatricyclo[6.3.1.0^{4,12}]dodeca-1(11),3,8(12),9-tetraene-6-carboxylic acid' 'C11 H9 N O2 S'
SO4 non-polymer 'SULFATE ION' 'O4 S -2'
TYM non-polymer TRYPTOPHANYL-5'AMP 'C21 H24 N7 O8 P'
#
# COMPACT_ATOMS: atom_id res chain seq x y z
N LYS A 3 1.12 7.61 -30.15
CA LYS A 3 1.88 8.51 -29.29
C LYS A 3 2.13 7.96 -27.89
N PRO A 4 3.40 7.78 -27.56
CA PRO A 4 3.78 7.07 -26.34
C PRO A 4 3.38 7.83 -25.08
N ILE A 5 3.09 7.07 -24.04
CA ILE A 5 2.76 7.62 -22.73
C ILE A 5 4.04 7.62 -21.90
N VAL A 6 4.36 8.75 -21.32
CA VAL A 6 5.53 8.90 -20.47
C VAL A 6 5.05 9.26 -19.08
N PHE A 7 5.66 8.66 -18.07
CA PHE A 7 5.30 8.89 -16.69
C PHE A 7 6.56 9.23 -15.92
N SER A 8 6.51 10.32 -15.16
CA SER A 8 7.61 10.67 -14.26
C SER A 8 7.04 10.94 -12.89
N GLY A 9 7.73 10.47 -11.86
CA GLY A 9 7.41 10.82 -10.49
C GLY A 9 8.24 12.03 -10.10
N ALA A 10 7.59 13.02 -9.48
CA ALA A 10 8.25 14.21 -8.97
C ALA A 10 8.12 14.22 -7.45
N GLN A 11 9.26 14.14 -6.77
CA GLN A 11 9.24 14.09 -5.29
C GLN A 11 8.94 15.50 -4.75
N PRO A 12 7.90 15.65 -3.91
CA PRO A 12 7.52 16.97 -3.39
C PRO A 12 8.40 17.35 -2.22
N SER A 13 9.69 17.14 -2.41
CA SER A 13 10.67 17.42 -1.36
C SER A 13 12.02 17.73 -2.01
N GLY A 14 12.21 17.36 -3.28
CA GLY A 14 13.46 17.63 -3.96
C GLY A 14 13.74 19.10 -4.09
N GLU A 15 14.92 19.55 -3.66
CA GLU A 15 15.35 20.92 -3.89
C GLU A 15 16.05 20.91 -5.24
N LEU A 16 15.28 21.26 -6.27
CA LEU A 16 15.76 21.14 -7.65
C LEU A 16 16.85 22.16 -7.95
N THR A 17 17.80 21.73 -8.77
CA THR A 17 18.98 22.50 -9.12
C THR A 17 18.95 22.89 -10.59
N ILE A 18 19.88 23.77 -10.99
CA ILE A 18 20.01 24.12 -12.41
C ILE A 18 20.33 22.87 -13.22
N GLY A 19 21.00 21.89 -12.62
CA GLY A 19 21.23 20.63 -13.32
C GLY A 19 19.94 19.95 -13.71
N ASN A 20 18.99 19.85 -12.78
CA ASN A 20 17.68 19.30 -13.10
C ASN A 20 17.00 20.12 -14.19
N TYR A 21 17.12 21.44 -14.11
CA TYR A 21 16.32 22.31 -14.98
C TYR A 21 16.84 22.29 -16.41
N MET A 22 18.15 22.43 -16.58
CA MET A 22 18.76 22.50 -17.89
C MET A 22 19.04 21.12 -18.47
N GLY A 23 18.95 20.09 -17.64
CA GLY A 23 19.06 18.73 -18.10
C GLY A 23 17.68 18.18 -18.40
N ALA A 24 17.19 17.29 -17.54
CA ALA A 24 15.98 16.52 -17.85
C ALA A 24 14.76 17.43 -18.08
N LEU A 25 14.54 18.39 -17.19
CA LEU A 25 13.33 19.19 -17.27
C LEU A 25 13.23 19.94 -18.59
N ARG A 26 14.28 20.70 -18.95
CA ARG A 26 14.26 21.42 -20.22
C ARG A 26 14.01 20.45 -21.38
N GLN A 27 14.65 19.29 -21.35
CA GLN A 27 14.48 18.30 -22.39
C GLN A 27 13.01 17.85 -22.49
N TRP A 28 12.37 17.63 -21.36
CA TRP A 28 11.00 17.14 -21.41
C TRP A 28 10.00 18.26 -21.65
N VAL A 29 10.29 19.47 -21.19
CA VAL A 29 9.42 20.60 -21.49
C VAL A 29 9.27 20.76 -23.01
N ASN A 30 10.32 20.47 -23.76
CA ASN A 30 10.32 20.68 -25.20
C ASN A 30 9.72 19.51 -25.97
N MET A 31 9.27 18.48 -25.27
CA MET A 31 8.75 17.27 -25.89
C MET A 31 7.33 16.97 -25.42
N GLN A 32 6.62 17.99 -24.92
CA GLN A 32 5.28 17.73 -24.41
C GLN A 32 4.30 17.46 -25.53
N ASP A 33 4.61 17.86 -26.75
CA ASP A 33 3.73 17.52 -27.87
C ASP A 33 4.16 16.25 -28.59
N ASP A 34 5.36 15.74 -28.32
CA ASP A 34 5.81 14.49 -28.93
C ASP A 34 5.32 13.27 -28.18
N TYR A 35 5.19 13.35 -26.86
CA TYR A 35 4.72 12.24 -26.04
C TYR A 35 3.53 12.70 -25.18
N HIS A 36 2.73 11.75 -24.75
CA HIS A 36 1.68 12.04 -23.78
C HIS A 36 2.33 11.95 -22.40
N CYS A 37 2.79 13.09 -21.88
CA CYS A 37 3.57 13.13 -20.65
C CYS A 37 2.65 13.26 -19.43
N ILE A 38 2.99 12.48 -18.41
CA ILE A 38 2.31 12.47 -17.13
C ILE A 38 3.34 12.78 -16.07
N TYR A 39 3.04 13.78 -15.25
CA TYR A 39 3.86 14.17 -14.12
C TYR A 39 3.04 13.94 -12.86
N CYS A 40 3.59 13.16 -11.93
CA CYS A 40 2.88 12.78 -10.72
C CYS A 40 3.72 13.18 -9.52
N ILE A 41 3.19 14.08 -8.70
CA ILE A 41 3.88 14.49 -7.48
C ILE A 41 3.61 13.43 -6.43
N VAL A 42 4.65 12.71 -6.02
CA VAL A 42 4.47 11.44 -5.29
C VAL A 42 4.50 11.76 -3.80
N ASP A 43 3.40 12.30 -3.30
CA ASP A 43 3.39 12.60 -1.87
C ASP A 43 3.24 11.34 -1.03
N GLN A 44 2.65 10.28 -1.58
CA GLN A 44 2.55 9.00 -0.88
C GLN A 44 3.91 8.31 -0.79
N HIS A 45 4.77 8.53 -1.78
CA HIS A 45 6.15 8.06 -1.68
C HIS A 45 6.92 8.87 -0.66
N ALA A 46 6.67 10.19 -0.62
CA ALA A 46 7.42 11.06 0.28
C ALA A 46 7.31 10.63 1.75
N ILE A 47 6.13 10.16 2.17
CA ILE A 47 5.94 9.93 3.61
C ILE A 47 6.65 8.68 4.09
N THR A 48 7.29 7.93 3.21
CA THR A 48 8.16 6.87 3.70
C THR A 48 9.35 7.43 4.49
N VAL A 49 9.65 8.71 4.35
CA VAL A 49 10.61 9.41 5.18
C VAL A 49 9.82 10.41 5.99
N ARG A 50 9.89 10.30 7.32
CA ARG A 50 9.08 11.16 8.16
C ARG A 50 9.55 12.60 8.07
N GLN A 51 8.60 13.52 8.01
CA GLN A 51 8.90 14.94 7.96
C GLN A 51 7.71 15.72 8.50
N ASP A 52 7.90 17.02 8.64
CA ASP A 52 6.82 17.90 9.13
C ASP A 52 5.64 17.88 8.16
N ALA A 53 4.45 17.70 8.72
CA ALA A 53 3.25 17.61 7.87
C ALA A 53 3.02 18.91 7.10
N GLN A 54 3.10 20.04 7.79
CA GLN A 54 2.86 21.32 7.13
C GLN A 54 3.89 21.56 6.03
N LYS A 55 5.14 21.16 6.25
CA LYS A 55 6.18 21.32 5.23
C LYS A 55 5.92 20.44 4.02
N LEU A 56 5.43 19.22 4.25
CA LEU A 56 5.07 18.37 3.12
C LEU A 56 3.95 18.99 2.31
N ARG A 57 2.94 19.56 2.97
CA ARG A 57 1.89 20.21 2.20
C ARG A 57 2.47 21.36 1.38
N LYS A 58 3.25 22.22 2.03
CA LYS A 58 3.83 23.36 1.34
C LYS A 58 4.72 22.91 0.18
N ALA A 59 5.49 21.84 0.38
CA ALA A 59 6.41 21.42 -0.67
C ALA A 59 5.69 20.76 -1.83
N THR A 60 4.55 20.12 -1.57
CA THR A 60 3.75 19.61 -2.67
C THR A 60 3.33 20.75 -3.60
N LEU A 61 2.90 21.86 -3.02
CA LEU A 61 2.51 23.01 -3.85
C LEU A 61 3.72 23.69 -4.48
N ASP A 62 4.84 23.77 -3.75
CA ASP A 62 6.05 24.35 -4.32
C ASP A 62 6.46 23.57 -5.57
N THR A 63 6.47 22.24 -5.47
CA THR A 63 6.81 21.40 -6.59
C THR A 63 5.83 21.61 -7.75
N LEU A 64 4.54 21.70 -7.44
CA LEU A 64 3.59 21.94 -8.52
C LEU A 64 3.93 23.25 -9.24
N ALA A 65 4.09 24.34 -8.49
CA ALA A 65 4.33 25.63 -9.11
C ALA A 65 5.68 25.67 -9.82
N LEU A 66 6.68 25.00 -9.26
CA LEU A 66 7.99 24.96 -9.90
C LEU A 66 7.96 24.24 -11.25
N TYR A 67 7.30 23.08 -11.31
CA TYR A 67 7.16 22.37 -12.58
C TYR A 67 6.42 23.22 -13.60
N LEU A 68 5.34 23.88 -13.18
CA LEU A 68 4.63 24.79 -14.07
C LEU A 68 5.55 25.92 -14.57
N ALA A 69 6.30 26.53 -13.64
CA ALA A 69 7.21 27.61 -14.02
C ALA A 69 8.28 27.13 -14.99
N CYS A 70 8.71 25.88 -14.86
CA CYS A 70 9.70 25.32 -15.77
C CYS A 70 9.13 25.05 -17.14
N GLY A 71 7.81 25.13 -17.31
CA GLY A 71 7.21 24.96 -18.61
C GLY A 71 6.34 23.73 -18.74
N ILE A 72 6.17 22.94 -17.69
CA ILE A 72 5.17 21.88 -17.78
C ILE A 72 3.82 22.54 -18.01
N ASP A 73 3.15 22.19 -19.11
CA ASP A 73 1.91 22.83 -19.51
C ASP A 73 0.75 21.88 -19.20
N PRO A 74 -0.10 22.19 -18.21
CA PRO A 74 -1.14 21.24 -17.79
C PRO A 74 -2.26 21.07 -18.81
N GLU A 75 -2.22 21.84 -19.91
CA GLU A 75 -3.10 21.56 -21.03
C GLU A 75 -2.57 20.43 -21.90
N LYS A 76 -1.25 20.37 -22.06
CA LYS A 76 -0.60 19.36 -22.89
C LYS A 76 -0.30 18.09 -22.11
N SER A 77 0.24 18.24 -20.92
CA SER A 77 0.63 17.12 -20.10
C SER A 77 -0.36 17.00 -18.94
N THR A 78 -0.38 15.82 -18.34
CA THR A 78 -1.11 15.59 -17.11
C THR A 78 -0.16 15.79 -15.94
N ILE A 79 -0.49 16.70 -15.05
CA ILE A 79 0.24 16.82 -13.80
C ILE A 79 -0.76 16.75 -12.66
N PHE A 80 -0.43 15.98 -11.64
CA PHE A 80 -1.37 15.73 -10.55
C PHE A 80 -0.60 15.29 -9.32
N VAL A 81 -1.31 15.27 -8.20
CA VAL A 81 -0.76 14.80 -6.94
C VAL A 81 -1.18 13.35 -6.75
N GLN A 82 -0.21 12.48 -6.42
CA GLN A 82 -0.41 11.04 -6.33
C GLN A 82 -1.58 10.69 -5.40
N SER A 83 -1.63 11.29 -4.22
CA SER A 83 -2.66 10.91 -3.26
C SER A 83 -4.05 11.34 -3.69
N HIS A 84 -4.17 12.14 -4.76
CA HIS A 84 -5.48 12.56 -5.25
C HIS A 84 -6.13 11.51 -6.16
N VAL A 85 -5.42 10.45 -6.49
CA VAL A 85 -5.94 9.40 -7.36
C VAL A 85 -5.84 8.08 -6.61
N PRO A 86 -6.91 7.66 -5.93
CA PRO A 86 -6.81 6.51 -5.00
C PRO A 86 -6.33 5.25 -5.70
N GLU A 87 -6.46 5.16 -7.03
CA GLU A 87 -6.05 3.97 -7.75
C GLU A 87 -4.59 3.62 -7.51
N HIS A 88 -3.74 4.61 -7.22
CA HIS A 88 -2.32 4.30 -6.98
C HIS A 88 -2.16 3.37 -5.79
N ALA A 89 -2.81 3.71 -4.67
CA ALA A 89 -2.76 2.82 -3.50
C ALA A 89 -3.39 1.48 -3.82
N GLN A 90 -4.52 1.49 -4.53
CA GLN A 90 -5.27 0.27 -4.80
C GLN A 90 -4.45 -0.70 -5.63
N LEU A 91 -3.90 -0.23 -6.75
CA LEU A 91 -3.03 -1.13 -7.52
C LEU A 91 -1.75 -1.38 -6.75
N GLY A 92 -1.32 -0.41 -5.95
CA GLY A 92 -0.16 -0.66 -5.10
C GLY A 92 -0.37 -1.89 -4.24
N TRP A 93 -1.55 -2.01 -3.61
CA TRP A 93 -1.79 -3.20 -2.80
C TRP A 93 -1.82 -4.46 -3.66
N ALA A 94 -2.58 -4.44 -4.75
CA ALA A 94 -2.74 -5.64 -5.53
C ALA A 94 -1.41 -6.13 -6.11
N LEU A 95 -0.56 -5.21 -6.58
CA LEU A 95 0.76 -5.61 -7.07
C LEU A 95 1.66 -6.17 -5.98
N ASN A 96 1.41 -5.85 -4.70
CA ASN A 96 2.14 -6.51 -3.61
C ASN A 96 1.99 -8.01 -3.71
N CYS A 97 0.80 -8.45 -4.11
CA CYS A 97 0.49 -9.87 -4.15
C CYS A 97 1.11 -10.58 -5.35
N TYR A 98 1.81 -9.84 -6.22
CA TYR A 98 2.50 -10.43 -7.36
C TYR A 98 3.97 -10.07 -7.34
N THR A 99 4.45 -9.55 -6.23
CA THR A 99 5.85 -9.16 -6.05
C THR A 99 6.46 -10.06 -4.99
N TYR A 100 7.57 -10.71 -5.32
CA TYR A 100 8.25 -11.53 -4.34
C TYR A 100 8.83 -10.67 -3.23
N PHE A 101 8.70 -11.15 -1.99
CA PHE A 101 9.36 -10.52 -0.87
C PHE A 101 10.85 -10.33 -1.15
N GLY A 102 11.48 -11.34 -1.76
CA GLY A 102 12.90 -11.26 -2.07
C GLY A 102 13.22 -10.21 -3.11
N GLU A 103 12.33 -9.98 -4.08
CA GLU A 103 12.55 -8.90 -5.04
C GLU A 103 12.67 -7.56 -4.34
N LEU A 104 11.84 -7.36 -3.32
CA LEU A 104 11.90 -6.10 -2.59
C LEU A 104 13.12 -6.05 -1.71
N SER A 105 13.50 -7.18 -1.12
CA SER A 105 14.63 -7.20 -0.15
C SER A 105 15.96 -6.91 -0.87
N ARG A 106 16.07 -7.34 -2.11
CA ARG A 106 17.30 -7.14 -2.88
C ARG A 106 17.41 -5.77 -3.51
N MET A 107 16.47 -4.85 -3.26
CA MET A 107 16.59 -3.51 -3.80
C MET A 107 17.73 -2.80 -3.08
N THR A 108 18.68 -2.25 -3.86
CA THR A 108 19.72 -1.42 -3.26
C THR A 108 19.15 -0.12 -2.71
N GLN A 109 18.06 0.38 -3.30
CA GLN A 109 17.44 1.60 -2.76
C GLN A 109 16.91 1.36 -1.35
N PHE A 110 16.34 0.18 -1.11
CA PHE A 110 15.91 -0.14 0.25
C PHE A 110 17.11 -0.33 1.18
N LYS A 111 18.12 -1.09 0.76
CA LYS A 111 19.28 -1.33 1.62
C LYS A 111 20.03 -0.03 1.90
N ASP A 112 20.20 0.82 0.87
CA ASP A 112 20.87 2.10 1.08
C ASP A 112 20.04 3.04 1.97
N LYS A 113 18.73 3.13 1.73
CA LYS A 113 17.88 3.99 2.55
C LYS A 113 17.70 3.45 3.95
N SER A 114 17.90 2.14 4.14
CA SER A 114 17.91 1.58 5.49
C SER A 114 19.10 2.10 6.30
N ALA A 115 20.25 2.32 5.67
CA ALA A 115 21.39 2.90 6.37
C ALA A 115 21.11 4.33 6.81
N ARG A 116 20.61 5.16 5.89
CA ARG A 116 20.33 6.58 6.21
C ARG A 116 19.21 6.74 7.24
N TYR A 117 18.23 5.82 7.23
CA TYR A 117 17.05 5.84 8.11
C TYR A 117 16.92 4.51 8.85
N ALA A 118 18.01 4.09 9.50
CA ALA A 118 17.99 2.85 10.27
C ALA A 118 17.00 2.87 11.43
N GLU A 119 16.51 4.06 11.81
CA GLU A 119 15.50 4.23 12.86
C GLU A 119 14.07 4.21 12.33
N ASN A 120 13.87 4.32 11.02
CA ASN A 120 12.55 4.25 10.40
C ASN A 120 12.58 3.29 9.22
N ILE A 121 13.06 2.06 9.45
CA ILE A 121 12.96 1.08 8.39
C ILE A 121 11.51 0.63 8.44
N ASN A 122 10.65 1.41 7.79
CA ASN A 122 9.23 1.23 7.86
C ASN A 122 8.77 0.45 6.64
N ALA A 123 7.55 -0.10 6.73
CA ALA A 123 7.05 -0.90 5.62
C ALA A 123 6.92 -0.07 4.35
N GLY A 124 6.68 1.24 4.48
CA GLY A 124 6.59 2.07 3.29
C GLY A 124 7.92 2.13 2.56
N LEU A 125 9.01 2.27 3.30
CA LEU A 125 10.34 2.25 2.72
C LEU A 125 10.59 0.93 2.00
N PHE A 126 10.18 -0.18 2.62
CA PHE A 126 10.38 -1.48 1.99
C PHE A 126 9.49 -1.66 0.76
N ASP A 127 8.27 -1.12 0.82
CA ASP A 127 7.28 -1.40 -0.19
C ASP A 127 7.29 -0.40 -1.35
N TYR A 128 8.07 0.69 -1.20
CA TYR A 128 8.21 1.77 -2.21
C TYR A 128 8.24 1.27 -3.65
N PRO A 129 8.99 0.21 -4.03
CA PRO A 129 9.03 -0.15 -5.46
C PRO A 129 7.71 -0.65 -6.00
N VAL A 130 6.89 -1.29 -5.16
CA VAL A 130 5.61 -1.76 -5.65
C VAL A 130 4.69 -0.60 -5.92
N LEU A 131 4.65 0.39 -5.01
CA LEU A 131 3.89 1.61 -5.29
C LEU A 131 4.39 2.30 -6.57
N MET A 132 5.70 2.41 -6.71
CA MET A 132 6.25 2.92 -7.97
C MET A 132 5.74 2.14 -9.16
N ALA A 133 5.78 0.80 -9.04
CA ALA A 133 5.28 -0.05 -10.11
C ALA A 133 3.84 0.28 -10.42
N ALA A 134 3.01 0.45 -9.37
CA ALA A 134 1.62 0.80 -9.63
C ALA A 134 1.52 2.16 -10.30
N ASP A 135 2.30 3.14 -9.83
CA ASP A 135 2.26 4.48 -10.43
C ASP A 135 2.42 4.37 -11.94
N ILE A 136 3.40 3.59 -12.38
CA ILE A 136 3.72 3.51 -13.80
C ILE A 136 2.64 2.74 -14.55
N LEU A 137 2.26 1.56 -14.04
CA LEU A 137 1.44 0.66 -14.84
C LEU A 137 0.00 1.12 -14.96
N LEU A 138 -0.48 1.94 -14.02
CA LEU A 138 -1.86 2.42 -14.08
C LEU A 138 -2.14 3.11 -15.39
N TYR A 139 -1.13 3.78 -15.94
CA TYR A 139 -1.30 4.66 -17.09
C TYR A 139 -0.87 4.02 -18.41
N GLN A 140 -0.65 2.71 -18.44
CA GLN A 140 -0.27 2.03 -19.69
C GLN A 140 1.02 2.61 -20.23
N THR A 141 1.90 3.00 -19.31
CA THR A 141 3.07 3.81 -19.61
C THR A 141 4.01 3.08 -20.57
N ASN A 142 4.48 3.79 -21.58
CA ASN A 142 5.46 3.17 -22.47
C ASN A 142 6.87 3.50 -22.03
N LEU A 143 7.08 4.64 -21.37
CA LEU A 143 8.42 5.18 -21.20
C LEU A 143 8.56 5.87 -19.86
N VAL A 144 9.66 5.58 -19.19
CA VAL A 144 9.90 6.18 -17.89
C VAL A 144 11.32 6.75 -17.91
N PRO A 145 11.50 8.07 -17.89
CA PRO A 145 12.83 8.61 -17.62
C PRO A 145 13.21 8.27 -16.18
N VAL A 146 14.31 7.55 -16.01
CA VAL A 146 14.84 7.24 -14.68
C VAL A 146 16.30 7.67 -14.59
N GLY A 147 16.70 8.19 -13.43
CA GLY A 147 18.10 8.30 -13.08
C GLY A 147 18.63 6.95 -12.65
N GLU A 148 19.93 6.91 -12.37
CA GLU A 148 20.62 5.65 -12.12
C GLU A 148 20.03 4.91 -10.92
N ASP A 149 19.69 5.63 -9.87
CA ASP A 149 19.22 4.94 -8.68
C ASP A 149 17.73 4.57 -8.75
N GLN A 150 17.07 4.78 -9.89
CA GLN A 150 15.73 4.27 -10.10
C GLN A 150 15.69 3.15 -11.13
N LYS A 151 16.85 2.76 -11.66
CA LYS A 151 16.87 1.76 -12.72
C LYS A 151 16.35 0.42 -12.21
N GLN A 152 16.79 0.00 -11.03
CA GLN A 152 16.34 -1.29 -10.52
C GLN A 152 14.84 -1.26 -10.22
N HIS A 153 14.33 -0.14 -9.72
CA HIS A 153 12.90 0.00 -9.51
C HIS A 153 12.14 -0.16 -10.82
N LEU A 154 12.60 0.50 -11.90
CA LEU A 154 11.92 0.34 -13.19
C LEU A 154 11.95 -1.10 -13.65
N GLU A 155 13.09 -1.78 -13.46
CA GLU A 155 13.22 -3.18 -13.87
C GLU A 155 12.19 -4.05 -13.15
N LEU A 156 12.02 -3.83 -11.85
CA LEU A 156 10.97 -4.56 -11.13
C LEU A 156 9.60 -4.28 -11.74
N SER A 157 9.33 -3.01 -12.05
CA SER A 157 8.07 -2.67 -12.69
C SER A 157 7.85 -3.47 -13.95
N ARG A 158 8.89 -3.57 -14.79
CA ARG A 158 8.78 -4.36 -16.01
C ARG A 158 8.56 -5.83 -15.69
N ASP A 159 9.25 -6.34 -14.67
CA ASP A 159 9.06 -7.73 -14.23
C ASP A 159 7.62 -7.96 -13.75
N ILE A 160 7.11 -7.06 -12.90
CA ILE A 160 5.76 -7.21 -12.38
C ILE A 160 4.76 -7.18 -13.53
N ALA A 161 4.93 -6.23 -14.45
CA ALA A 161 4.02 -6.13 -15.59
C ALA A 161 4.00 -7.43 -16.39
N GLN A 162 5.19 -7.98 -16.68
CA GLN A 162 5.24 -9.19 -17.48
C GLN A 162 4.67 -10.37 -16.71
N ARG A 163 5.04 -10.51 -15.45
CA ARG A 163 4.50 -11.58 -14.63
C ARG A 163 2.98 -11.49 -14.57
N PHE A 164 2.44 -10.29 -14.31
CA PHE A 164 0.99 -10.19 -14.20
C PHE A 164 0.30 -10.51 -15.52
N ASN A 165 0.87 -10.02 -16.62
CA ASN A 165 0.32 -10.28 -17.94
C ASN A 165 0.32 -11.76 -18.26
N ALA A 166 1.40 -12.47 -17.90
CA ALA A 166 1.50 -13.89 -18.17
C ALA A 166 0.34 -14.67 -17.56
N LEU A 167 -0.18 -14.20 -16.42
CA LEU A 167 -1.29 -14.89 -15.77
C LEU A 167 -2.63 -14.47 -16.33
N TYR A 168 -2.81 -13.19 -16.65
CA TYR A 168 -4.13 -12.66 -16.91
C TYR A 168 -4.36 -12.07 -18.29
N GLY A 169 -3.36 -12.05 -19.17
CA GLY A 169 -3.50 -11.36 -20.45
C GLY A 169 -2.77 -10.03 -20.43
N GLU A 170 -2.80 -9.35 -21.59
CA GLU A 170 -2.09 -8.08 -21.76
C GLU A 170 -2.84 -6.97 -21.02
N ILE A 171 -2.67 -6.92 -19.71
CA ILE A 171 -3.37 -5.92 -18.90
C ILE A 171 -2.55 -4.64 -18.80
N PHE A 172 -1.25 -4.78 -18.57
CA PHE A 172 -0.33 -3.67 -18.50
C PHE A 172 0.54 -3.61 -19.75
N LYS A 173 0.94 -2.40 -20.11
CA LYS A 173 2.09 -2.23 -20.98
C LYS A 173 3.36 -2.46 -20.19
N VAL A 174 4.32 -3.14 -20.81
CA VAL A 174 5.65 -3.25 -20.20
C VAL A 174 6.39 -1.94 -20.48
N PRO A 175 6.72 -1.16 -19.46
CA PRO A 175 7.40 0.12 -19.68
C PRO A 175 8.85 -0.05 -20.11
N GLU A 176 9.37 0.94 -20.83
CA GLU A 176 10.78 0.98 -21.20
C GLU A 176 11.46 2.18 -20.56
N PRO A 177 12.75 2.07 -20.20
CA PRO A 177 13.48 3.26 -19.80
C PRO A 177 13.54 4.22 -20.99
N PHE A 178 13.54 5.52 -20.70
CA PHE A 178 13.80 6.52 -21.73
C PHE A 178 15.31 6.69 -21.82
N ILE A 179 15.91 6.24 -22.91
CA ILE A 179 17.37 6.10 -22.98
C ILE A 179 18.12 7.41 -23.23
N PRO A 180 17.71 8.26 -24.20
CA PRO A 180 18.55 9.43 -24.52
C PRO A 180 18.64 10.42 -23.36
N LYS A 181 19.87 10.90 -23.11
CA LYS A 181 20.18 11.85 -22.05
C LYS A 181 20.20 13.28 -22.58
N SER A 182 19.89 14.22 -21.69
CA SER A 182 19.58 15.59 -22.11
C SER A 182 20.72 16.24 -22.89
N GLY A 183 21.96 15.95 -22.51
CA GLY A 183 23.10 16.54 -23.18
C GLY A 183 23.73 17.69 -22.43
N ALA A 184 22.92 18.44 -21.69
CA ALA A 184 23.51 19.51 -20.85
C ALA A 184 24.39 18.86 -19.77
N ARG A 185 25.58 19.42 -19.58
CA ARG A 185 26.50 18.90 -18.54
C ARG A 185 26.59 19.91 -17.39
N VAL A 186 26.08 19.54 -16.20
CA VAL A 186 26.13 20.41 -14.99
C VAL A 186 26.73 19.57 -13.85
N MET A 187 27.94 19.91 -13.41
CA MET A 187 28.69 19.20 -12.40
C MET A 187 28.69 19.97 -11.09
N SER A 188 29.08 19.29 -10.01
CA SER A 188 29.10 19.91 -8.69
C SER A 188 30.16 21.00 -8.62
N LEU A 189 29.81 22.09 -7.92
CA LEU A 189 30.63 23.30 -7.93
C LEU A 189 31.97 23.10 -7.21
N LEU A 190 32.02 22.16 -6.28
CA LEU A 190 33.25 21.83 -5.55
C LEU A 190 33.80 20.46 -5.89
N GLU A 191 33.02 19.61 -6.56
CA GLU A 191 33.40 18.24 -6.90
C GLU A 191 33.10 17.98 -8.37
N PRO A 192 33.80 18.65 -9.30
CA PRO A 192 33.38 18.66 -10.71
C PRO A 192 33.65 17.37 -11.47
N THR A 193 33.96 16.29 -10.76
CA THR A 193 33.91 14.95 -11.32
C THR A 193 32.57 14.27 -11.08
N LYS A 194 31.82 14.72 -10.08
CA LYS A 194 30.48 14.23 -9.75
C LYS A 194 29.43 15.17 -10.33
N LYS A 195 28.31 14.59 -10.77
CA LYS A 195 27.20 15.39 -11.28
C LYS A 195 26.58 16.21 -10.17
N MET A 196 26.23 17.46 -10.47
CA MET A 196 25.47 18.26 -9.51
C MET A 196 24.12 17.60 -9.28
N SER A 197 23.82 17.27 -8.03
CA SER A 197 22.69 16.43 -7.68
C SER A 197 21.80 17.12 -6.66
N LYS A 198 20.48 17.04 -6.89
CA LYS A 198 19.53 17.66 -5.96
C LYS A 198 19.58 17.02 -4.57
N SER A 199 20.10 15.81 -4.46
CA SER A 199 20.15 15.06 -3.20
C SER A 199 21.44 15.30 -2.43
N ASP A 200 22.32 16.18 -2.89
CA ASP A 200 23.57 16.41 -2.18
C ASP A 200 23.30 17.00 -0.81
N ASP A 201 23.91 16.42 0.22
CA ASP A 201 23.83 17.02 1.55
C ASP A 201 24.68 18.27 1.65
N ASN A 202 25.72 18.38 0.81
CA ASN A 202 26.57 19.56 0.68
C ASN A 202 25.91 20.50 -0.31
N ARG A 203 25.11 21.44 0.20
CA ARG A 203 24.40 22.34 -0.70
C ARG A 203 25.31 23.31 -1.44
N ASN A 204 26.56 23.48 -1.00
CA ASN A 204 27.44 24.39 -1.71
C ASN A 204 27.93 23.81 -3.03
N ASN A 205 27.58 22.56 -3.33
CA ASN A 205 27.83 21.96 -4.63
C ASN A 205 26.79 22.35 -5.69
N VAL A 206 25.66 22.92 -5.28
CA VAL A 206 24.52 23.07 -6.19
C VAL A 206 24.04 24.52 -6.19
N ILE A 207 23.34 24.88 -7.26
CA ILE A 207 22.57 26.11 -7.34
C ILE A 207 21.11 25.70 -7.43
N GLY A 208 20.34 25.93 -6.37
CA GLY A 208 18.94 25.60 -6.39
C GLY A 208 18.17 26.59 -7.25
N LEU A 209 17.05 26.11 -7.80
CA LEU A 209 16.30 26.91 -8.77
C LEU A 209 15.77 28.21 -8.20
N LEU A 210 15.62 28.32 -6.88
CA LEU A 210 15.05 29.53 -6.28
C LEU A 210 16.09 30.43 -5.62
N GLU A 211 17.38 30.10 -5.70
CA GLU A 211 18.41 30.94 -5.10
C GLU A 211 18.44 32.33 -5.72
N ASP A 212 18.69 33.35 -4.88
CA ASP A 212 18.78 34.73 -5.35
C ASP A 212 20.17 35.01 -5.94
N PRO A 213 20.29 36.07 -6.75
CA PRO A 213 21.59 36.33 -7.40
C PRO A 213 22.74 36.54 -6.45
N LYS A 214 22.50 37.13 -5.28
CA LYS A 214 23.58 37.32 -4.33
C LYS A 214 24.15 35.97 -3.89
N SER A 215 23.28 34.99 -3.64
CA SER A 215 23.75 33.67 -3.22
C SER A 215 24.36 32.89 -4.38
N VAL A 216 23.91 33.14 -5.61
CA VAL A 216 24.52 32.46 -6.75
C VAL A 216 25.99 32.87 -6.87
N VAL A 217 26.25 34.18 -6.78
CA VAL A 217 27.63 34.67 -6.86
C VAL A 217 28.49 34.02 -5.79
N LYS A 218 27.94 33.94 -4.56
CA LYS A 218 28.67 33.32 -3.46
C LYS A 218 29.15 31.91 -3.81
N LYS A 219 28.24 31.06 -4.31
CA LYS A 219 28.60 29.68 -4.61
C LYS A 219 29.45 29.54 -5.87
N ILE A 220 29.21 30.37 -6.88
CA ILE A 220 30.03 30.31 -8.09
C ILE A 220 31.45 30.79 -7.80
N LYS A 221 31.59 31.85 -7.01
CA LYS A 221 32.91 32.40 -6.69
C LYS A 221 33.77 31.41 -5.93
N ARG A 222 33.14 30.47 -5.24
CA ARG A 222 33.83 29.42 -4.51
C ARG A 222 33.91 28.13 -5.31
N ALA A 223 33.62 28.17 -6.61
CA ALA A 223 33.68 26.98 -7.45
C ALA A 223 35.12 26.65 -7.80
N VAL A 224 35.51 25.38 -7.65
CA VAL A 224 36.91 25.04 -7.77
C VAL A 224 37.41 25.32 -9.18
N THR A 225 38.67 25.75 -9.26
CA THR A 225 39.35 25.97 -10.53
C THR A 225 40.71 25.26 -10.50
N ASP A 226 41.56 25.54 -11.47
CA ASP A 226 42.84 24.85 -11.59
C ASP A 226 43.99 25.81 -11.37
N SER A 227 45.12 25.24 -10.94
CA SER A 227 46.31 26.03 -10.65
C SER A 227 46.98 26.60 -11.90
N ASP A 228 46.60 26.12 -13.09
CA ASP A 228 47.31 26.38 -14.33
C ASP A 228 47.80 27.81 -14.44
N GLU A 229 49.11 27.96 -14.61
CA GLU A 229 49.72 29.27 -14.80
C GLU A 229 50.23 29.38 -16.23
N PRO A 230 49.75 30.35 -17.03
CA PRO A 230 48.73 31.36 -16.70
C PRO A 230 47.30 30.80 -16.68
N PRO A 231 46.38 31.45 -15.96
CA PRO A 231 44.97 31.03 -16.02
C PRO A 231 44.40 31.15 -17.42
N VAL A 232 44.05 30.00 -18.01
CA VAL A 232 43.56 29.91 -19.38
C VAL A 232 42.20 29.23 -19.38
N VAL A 233 41.22 29.84 -20.06
CA VAL A 233 39.84 29.35 -20.08
C VAL A 233 39.73 28.36 -21.25
N ARG A 234 40.05 27.10 -20.99
CA ARG A 234 40.13 26.16 -22.09
C ARG A 234 39.49 24.84 -21.69
N TYR A 235 38.77 24.23 -22.62
CA TYR A 235 37.99 23.04 -22.30
C TYR A 235 38.92 21.84 -22.19
N ASP A 236 38.93 21.24 -21.00
CA ASP A 236 39.78 20.06 -20.71
C ASP A 236 39.13 19.42 -19.48
N VAL A 237 38.35 18.36 -19.66
CA VAL A 237 37.60 17.81 -18.56
C VAL A 237 38.49 17.17 -17.51
N GLN A 238 39.73 16.81 -17.85
CA GLN A 238 40.61 16.20 -16.86
C GLN A 238 41.58 17.20 -16.23
N ASN A 239 42.18 18.10 -17.02
CA ASN A 239 43.11 19.07 -16.45
C ASN A 239 42.38 20.26 -15.85
N LYS A 240 41.35 20.68 -16.59
CA LYS A 240 40.60 21.89 -16.23
C LYS A 240 39.10 21.58 -16.12
N ALA A 241 38.74 20.60 -15.29
CA ALA A 241 37.32 20.21 -15.10
C ALA A 241 36.55 21.39 -14.55
N GLY A 242 37.00 21.92 -13.43
CA GLY A 242 36.28 23.04 -12.81
C GLY A 242 35.98 24.11 -13.83
N VAL A 243 37.00 24.54 -14.59
CA VAL A 243 36.75 25.53 -15.63
C VAL A 243 35.86 24.94 -16.71
N SER A 244 36.05 23.66 -17.02
CA SER A 244 35.21 23.00 -18.01
C SER A 244 33.76 22.94 -17.54
N ASN A 245 33.55 22.74 -16.24
CA ASN A 245 32.21 22.75 -15.69
C ASN A 245 31.57 24.13 -15.82
N LEU A 246 32.34 25.19 -15.52
CA LEU A 246 31.80 26.53 -15.65
C LEU A 246 31.45 26.85 -17.10
N LEU A 247 32.32 26.44 -18.04
CA LEU A 247 31.99 26.60 -19.45
C LEU A 247 30.75 25.79 -19.82
N ASP A 248 30.68 24.54 -19.36
CA ASP A 248 29.51 23.71 -19.69
C ASP A 248 28.22 24.33 -19.17
N ILE A 249 28.24 24.84 -17.92
CA ILE A 249 27.06 25.47 -17.34
C ILE A 249 26.69 26.73 -18.13
N LEU A 250 27.68 27.59 -18.36
CA LEU A 250 27.42 28.81 -19.14
C LEU A 250 26.86 28.45 -20.51
N SER A 251 27.46 27.45 -21.18
CA SER A 251 26.98 27.07 -22.49
C SER A 251 25.55 26.55 -22.44
N ALA A 252 25.24 25.75 -21.41
CA ALA A 252 23.87 25.30 -21.20
C ALA A 252 22.93 26.48 -20.99
N VAL A 253 23.39 27.54 -20.32
CA VAL A 253 22.54 28.71 -20.13
C VAL A 253 22.33 29.48 -21.42
N THR A 254 23.41 29.74 -22.16
CA THR A 254 23.36 30.72 -23.23
C THR A 254 23.22 30.15 -24.63
N GLY A 255 23.63 28.90 -24.86
CA GLY A 255 23.66 28.32 -26.18
C GLY A 255 24.99 28.45 -26.91
N GLN A 256 25.86 29.38 -26.50
CA GLN A 256 27.16 29.53 -27.14
C GLN A 256 27.96 28.24 -27.05
N SER A 257 28.62 27.91 -28.15
CA SER A 257 29.41 26.66 -28.20
C SER A 257 30.66 26.78 -27.35
N ILE A 258 31.24 25.64 -27.01
CA ILE A 258 32.50 25.67 -26.27
C ILE A 258 33.60 26.38 -27.06
N PRO A 259 33.82 26.08 -28.34
CA PRO A 259 34.79 26.90 -29.10
C PRO A 259 34.43 28.37 -29.13
N GLU A 260 33.14 28.71 -29.13
CA GLU A 260 32.79 30.16 -29.07
C GLU A 260 33.18 30.72 -27.71
N LEU A 261 32.87 29.97 -26.66
CA LEU A 261 33.14 30.48 -25.32
C LEU A 261 34.62 30.67 -25.10
N GLU A 262 35.43 29.74 -25.57
CA GLU A 262 36.87 29.87 -25.42
C GLU A 262 37.37 31.17 -26.03
N LYS A 263 36.97 31.46 -27.26
CA LYS A 263 37.36 32.72 -27.88
C LYS A 263 36.69 33.92 -27.22
N GLN A 264 35.54 33.72 -26.57
CA GLN A 264 34.91 34.81 -25.82
C GLN A 264 35.78 35.23 -24.65
N PHE A 265 36.36 34.26 -23.94
CA PHE A 265 37.19 34.50 -22.77
C PHE A 265 38.68 34.43 -23.09
N GLU A 266 39.05 34.59 -24.36
CA GLU A 266 40.47 34.68 -24.70
C GLU A 266 41.06 35.93 -24.06
N GLY A 267 42.13 35.75 -23.28
CA GLY A 267 42.70 36.84 -22.52
C GLY A 267 41.95 37.18 -21.25
N LYS A 268 40.95 36.39 -20.88
CA LYS A 268 40.20 36.63 -19.66
C LYS A 268 40.67 35.69 -18.55
N MET A 269 40.38 36.09 -17.31
CA MET A 269 40.78 35.36 -16.12
C MET A 269 39.66 34.45 -15.63
N TYR A 270 40.01 33.63 -14.63
CA TYR A 270 39.00 32.79 -13.99
C TYR A 270 37.97 33.63 -13.26
N GLY A 271 38.34 34.84 -12.82
CA GLY A 271 37.39 35.69 -12.13
C GLY A 271 36.25 36.13 -13.02
N HIS A 272 36.56 36.57 -14.24
CA HIS A 272 35.50 37.02 -15.15
C HIS A 272 34.65 35.85 -15.65
N LEU A 273 35.24 34.66 -15.77
CA LEU A 273 34.45 33.50 -16.19
C LEU A 273 33.36 33.19 -15.17
N LYS A 274 33.72 33.20 -13.87
CA LYS A 274 32.70 33.02 -12.85
C LYS A 274 31.69 34.16 -12.87
N GLY A 275 32.14 35.38 -13.11
CA GLY A 275 31.23 36.50 -13.19
C GLY A 275 30.23 36.36 -14.33
N GLU A 276 30.69 35.86 -15.48
CA GLU A 276 29.78 35.62 -16.59
C GLU A 276 28.84 34.45 -16.30
N VAL A 277 29.35 33.40 -15.64
CA VAL A 277 28.49 32.26 -15.29
C VAL A 277 27.38 32.71 -14.35
N ALA A 278 27.75 33.43 -13.28
CA ALA A 278 26.75 33.85 -12.29
C ALA A 278 25.69 34.74 -12.93
N ASP A 279 26.10 35.67 -13.77
CA ASP A 279 25.16 36.53 -14.49
C ASP A 279 24.21 35.71 -15.34
N ALA A 280 24.76 34.75 -16.10
CA ALA A 280 23.93 33.93 -16.97
C ALA A 280 22.97 33.08 -16.17
N VAL A 281 23.47 32.45 -15.10
CA VAL A 281 22.64 31.58 -14.27
C VAL A 281 21.55 32.37 -13.55
N SER A 282 21.93 33.49 -12.90
CA SER A 282 20.93 34.28 -12.18
C SER A 282 19.95 34.93 -13.14
N GLY A 283 20.40 35.32 -14.34
CA GLY A 283 19.46 35.81 -15.33
C GLY A 283 18.42 34.76 -15.66
N MET A 284 18.87 33.53 -15.91
CA MET A 284 17.95 32.43 -16.13
C MET A 284 17.03 32.22 -14.94
N LEU A 285 17.58 32.19 -13.73
CA LEU A 285 16.77 31.94 -12.54
C LEU A 285 15.83 33.08 -12.23
N THR A 286 16.13 34.29 -12.70
CA THR A 286 15.25 35.43 -12.33
C THR A 286 13.93 35.29 -13.06
N GLU A 287 13.97 34.85 -14.32
CA GLU A 287 12.73 34.67 -15.11
C GLU A 287 11.95 33.48 -14.58
N LEU A 288 12.66 32.39 -14.26
CA LEU A 288 12.00 31.19 -13.71
C LEU A 288 11.34 31.59 -12.38
N GLN A 289 12.07 32.33 -11.55
CA GLN A 289 11.50 32.65 -10.25
C GLN A 289 10.24 33.49 -10.38
N GLU A 290 10.22 34.49 -11.28
CA GLU A 290 9.01 35.32 -11.34
C GLU A 290 7.82 34.51 -11.83
N ARG A 291 8.04 33.56 -12.75
CA ARG A 291 6.96 32.65 -13.14
C ARG A 291 6.56 31.76 -11.98
N TYR A 292 7.52 31.27 -11.21
CA TYR A 292 7.21 30.42 -10.07
C TYR A 292 6.29 31.13 -9.08
N HIS A 293 6.64 32.37 -8.71
CA HIS A 293 5.86 33.06 -7.68
C HIS A 293 4.49 33.45 -8.20
N ARG A 294 4.37 33.75 -9.49
CA ARG A 294 3.04 34.00 -10.04
C ARG A 294 2.15 32.77 -9.93
N PHE A 295 2.68 31.59 -10.27
CA PHE A 295 1.90 30.36 -10.10
C PHE A 295 1.66 30.08 -8.64
N ARG A 296 2.71 30.17 -7.84
CA ARG A 296 2.68 29.68 -6.47
C ARG A 296 1.68 30.46 -5.63
N ASN A 297 1.57 31.76 -5.85
CA ASN A 297 0.71 32.58 -5.02
C ASN A 297 -0.75 32.54 -5.49
N ASP A 298 -1.03 31.86 -6.60
CA ASP A 298 -2.38 31.78 -7.14
C ASP A 298 -2.99 30.45 -6.70
N GLU A 299 -3.54 30.45 -5.48
CA GLU A 299 -4.06 29.20 -4.91
C GLU A 299 -5.14 28.61 -5.78
N ALA A 300 -6.05 29.44 -6.27
CA ALA A 300 -7.12 28.95 -7.12
C ALA A 300 -6.56 28.30 -8.38
N PHE A 301 -5.52 28.89 -8.95
CA PHE A 301 -4.92 28.28 -10.13
C PHE A 301 -4.36 26.92 -9.81
N LEU A 302 -3.63 26.81 -8.69
CA LEU A 302 -3.02 25.55 -8.33
C LEU A 302 -4.07 24.49 -8.05
N GLN A 303 -5.17 24.88 -7.40
CA GLN A 303 -6.28 23.95 -7.17
C GLN A 303 -6.87 23.48 -8.49
N GLN A 304 -7.07 24.41 -9.43
CA GLN A 304 -7.62 24.05 -10.73
C GLN A 304 -6.69 23.10 -11.47
N VAL A 305 -5.38 23.33 -11.42
CA VAL A 305 -4.43 22.42 -12.05
C VAL A 305 -4.52 21.03 -11.41
N MET A 306 -4.50 20.98 -10.08
CA MET A 306 -4.54 19.72 -9.36
C MET A 306 -5.82 18.98 -9.66
N LYS A 307 -6.94 19.69 -9.62
CA LYS A 307 -8.23 19.09 -9.90
C LYS A 307 -8.30 18.58 -11.33
N ASP A 308 -7.82 19.38 -12.28
CA ASP A 308 -7.87 18.95 -13.68
C ASP A 308 -6.93 17.77 -13.93
N GLY A 309 -5.74 17.82 -13.36
CA GLY A 309 -4.80 16.73 -13.55
C GLY A 309 -5.29 15.41 -12.97
N ALA A 310 -5.81 15.44 -11.73
CA ALA A 310 -6.28 14.20 -11.11
C ALA A 310 -7.42 13.59 -11.91
N GLU A 311 -8.32 14.44 -12.40
CA GLU A 311 -9.44 13.96 -13.21
C GLU A 311 -8.96 13.31 -14.50
N LYS A 312 -7.96 13.93 -15.17
CA LYS A 312 -7.35 13.30 -16.34
C LYS A 312 -6.68 11.98 -15.98
N ALA A 313 -5.88 11.97 -14.90
CA ALA A 313 -5.21 10.75 -14.47
C ALA A 313 -6.23 9.67 -14.11
N SER A 314 -7.31 10.06 -13.46
CA SER A 314 -8.27 9.08 -12.95
C SER A 314 -8.95 8.32 -14.07
N ALA A 315 -9.28 8.99 -15.17
CA ALA A 315 -9.94 8.29 -16.26
C ALA A 315 -9.07 7.16 -16.79
N HIS A 316 -7.75 7.36 -16.80
CA HIS A 316 -6.86 6.29 -17.27
C HIS A 316 -6.66 5.26 -16.17
N ALA A 317 -6.39 5.73 -14.95
CA ALA A 317 -6.06 4.85 -13.84
C ALA A 317 -7.19 3.88 -13.56
N SER A 318 -8.42 4.41 -13.48
CA SER A 318 -9.57 3.57 -13.15
C SER A 318 -9.82 2.53 -14.23
N ARG A 319 -9.66 2.92 -15.51
CA ARG A 319 -9.78 1.94 -16.59
C ARG A 319 -8.83 0.76 -16.37
N THR A 320 -7.56 1.04 -16.07
CA THR A 320 -6.62 -0.05 -15.83
C THR A 320 -7.00 -0.84 -14.57
N LEU A 321 -7.36 -0.15 -13.49
CA LEU A 321 -7.65 -0.86 -12.25
C LEU A 321 -8.87 -1.76 -12.42
N LYS A 322 -9.88 -1.27 -13.15
CA LYS A 322 -11.05 -2.09 -13.44
C LYS A 322 -10.65 -3.41 -14.11
N ALA A 323 -9.81 -3.34 -15.15
CA ALA A 323 -9.33 -4.55 -15.80
C ALA A 323 -8.50 -5.41 -14.84
N VAL A 324 -7.65 -4.78 -14.03
CA VAL A 324 -6.87 -5.52 -13.07
C VAL A 324 -7.78 -6.32 -12.14
N TYR A 325 -8.78 -5.65 -11.57
CA TYR A 325 -9.67 -6.29 -10.59
C TYR A 325 -10.51 -7.39 -11.23
N GLU A 326 -10.99 -7.14 -12.45
CA GLU A 326 -11.70 -8.18 -13.20
C GLU A 326 -10.82 -9.39 -13.39
N ALA A 327 -9.56 -9.17 -13.80
CA ALA A 327 -8.64 -10.26 -14.06
C ALA A 327 -8.31 -11.03 -12.79
N ILE A 328 -8.02 -10.32 -11.69
CA ILE A 328 -7.63 -10.98 -10.45
C ILE A 328 -8.78 -11.84 -9.92
N GLY A 329 -10.02 -11.44 -10.20
CA GLY A 329 -11.17 -12.19 -9.75
C GLY A 329 -12.06 -11.51 -8.72
N PHE A 330 -11.84 -10.23 -8.39
CA PHE A 330 -12.75 -9.55 -7.47
C PHE A 330 -14.14 -9.40 -8.08
N VAL A 331 -15.14 -9.40 -7.21
CA VAL A 331 -16.46 -8.93 -7.60
C VAL A 331 -16.37 -7.44 -7.90
N ALA A 332 -16.89 -7.03 -9.05
CA ALA A 332 -16.87 -5.59 -9.37
C ALA A 332 -17.76 -4.81 -8.39
N LYS A 333 -17.33 -3.59 -8.08
CA LYS A 333 -18.13 -2.71 -7.22
C LYS A 333 -19.46 -2.47 -7.90
N PRO A 334 -20.59 -2.74 -7.22
CA PRO A 334 -21.93 -2.46 -7.78
C PRO A 334 -21.99 -0.97 -8.09
N HIS A 335 -22.35 -0.63 -9.31
CA HIS A 335 -22.39 0.80 -9.71
C HIS A 335 -23.81 1.34 -9.47
N THR B 2 -24.00 7.68 19.55
CA THR B 2 -23.63 6.64 18.59
C THR B 2 -23.13 5.46 19.36
N LYS B 3 -23.45 4.26 18.93
CA LYS B 3 -22.94 3.09 19.60
C LYS B 3 -21.44 2.96 19.37
N PRO B 4 -20.73 2.27 20.25
CA PRO B 4 -19.36 1.86 19.93
C PRO B 4 -19.37 0.95 18.70
N ILE B 5 -18.26 0.95 17.98
CA ILE B 5 -18.21 0.35 16.67
C ILE B 5 -17.48 -0.97 16.77
N VAL B 6 -18.01 -1.97 16.11
CA VAL B 6 -17.37 -3.26 15.95
C VAL B 6 -16.94 -3.40 14.50
N PHE B 7 -15.72 -3.88 14.27
CA PHE B 7 -15.32 -4.22 12.92
C PHE B 7 -14.64 -5.57 12.92
N SER B 8 -14.89 -6.38 11.89
CA SER B 8 -14.17 -7.64 11.71
C SER B 8 -14.32 -8.11 10.27
N GLY B 9 -13.36 -8.95 9.86
CA GLY B 9 -13.30 -9.40 8.49
C GLY B 9 -12.95 -10.87 8.39
N ALA B 10 -13.33 -11.46 7.26
CA ALA B 10 -12.93 -12.82 6.93
C ALA B 10 -12.62 -12.88 5.44
N GLN B 11 -11.66 -13.72 5.11
CA GLN B 11 -11.22 -13.96 3.74
C GLN B 11 -12.24 -14.79 2.97
N PRO B 12 -12.61 -14.39 1.75
CA PRO B 12 -13.31 -15.31 0.84
C PRO B 12 -12.32 -16.29 0.18
N SER B 13 -11.59 -17.01 1.01
CA SER B 13 -10.69 -18.05 0.58
C SER B 13 -11.09 -19.35 1.26
N GLY B 14 -10.82 -20.47 0.58
CA GLY B 14 -11.19 -21.77 1.11
C GLY B 14 -12.64 -21.91 1.50
N GLU B 15 -12.93 -22.89 2.34
CA GLU B 15 -14.27 -23.11 2.86
C GLU B 15 -14.25 -22.79 4.35
N LEU B 16 -15.08 -21.85 4.76
CA LEU B 16 -15.15 -21.47 6.16
C LEU B 16 -15.47 -22.71 7.00
N THR B 17 -14.90 -22.74 8.20
CA THR B 17 -14.95 -23.89 9.10
C THR B 17 -15.81 -23.57 10.32
N ILE B 18 -16.01 -24.58 11.18
CA ILE B 18 -16.66 -24.29 12.45
C ILE B 18 -15.72 -23.53 13.37
N GLY B 19 -14.42 -23.59 13.10
CA GLY B 19 -13.51 -22.69 13.80
C GLY B 19 -13.77 -21.23 13.45
N ASN B 20 -13.92 -20.93 12.16
CA ASN B 20 -14.29 -19.57 11.77
C ASN B 20 -15.59 -19.15 12.43
N TYR B 21 -16.52 -20.10 12.57
CA TYR B 21 -17.79 -19.74 13.20
C TYR B 21 -17.59 -19.40 14.67
N MET B 22 -16.92 -20.29 15.41
CA MET B 22 -16.81 -20.12 16.85
C MET B 22 -15.86 -19.00 17.22
N GLY B 23 -14.80 -18.79 16.45
CA GLY B 23 -13.87 -17.75 16.79
C GLY B 23 -14.34 -16.36 16.42
N ALA B 24 -15.04 -16.25 15.29
CA ALA B 24 -15.44 -14.93 14.86
C ALA B 24 -16.94 -14.81 14.62
N LEU B 25 -17.46 -15.61 13.68
CA LEU B 25 -18.79 -15.37 13.12
C LEU B 25 -19.88 -15.40 14.19
N ARG B 26 -19.77 -16.30 15.18
CA ARG B 26 -20.79 -16.36 16.23
C ARG B 26 -20.87 -15.05 17.01
N GLN B 27 -19.72 -14.50 17.41
CA GLN B 27 -19.71 -13.24 18.13
C GLN B 27 -20.20 -12.08 17.26
N TRP B 28 -19.91 -12.12 15.95
CA TRP B 28 -20.39 -11.08 15.04
C TRP B 28 -21.91 -11.02 15.10
N VAL B 29 -22.55 -12.17 15.02
CA VAL B 29 -24.00 -12.23 15.08
C VAL B 29 -24.48 -11.70 16.43
N ASN B 30 -23.87 -12.21 17.51
CA ASN B 30 -24.23 -11.82 18.87
C ASN B 30 -24.07 -10.31 19.11
N MET B 31 -23.23 -9.61 18.37
CA MET B 31 -22.97 -8.22 18.71
C MET B 31 -23.81 -7.24 17.94
N GLN B 32 -24.66 -7.72 17.02
CA GLN B 32 -25.27 -6.81 16.04
C GLN B 32 -26.20 -5.78 16.68
N ASP B 33 -26.85 -6.11 17.79
CA ASP B 33 -27.72 -5.13 18.43
C ASP B 33 -26.97 -4.28 19.42
N ASP B 34 -26.07 -4.90 20.20
CA ASP B 34 -25.38 -4.19 21.30
C ASP B 34 -24.40 -3.13 20.77
N TYR B 35 -23.95 -3.29 19.54
CA TYR B 35 -22.95 -2.34 19.01
C TYR B 35 -23.23 -2.08 17.56
N HIS B 36 -22.57 -1.05 17.04
CA HIS B 36 -22.67 -0.70 15.60
C HIS B 36 -21.65 -1.59 14.92
N CYS B 37 -22.13 -2.55 14.15
CA CYS B 37 -21.22 -3.58 13.65
C CYS B 37 -20.98 -3.41 12.15
N ILE B 38 -19.72 -3.60 11.75
CA ILE B 38 -19.28 -3.52 10.36
C ILE B 38 -18.48 -4.81 10.05
N TYR B 39 -18.93 -5.57 9.05
CA TYR B 39 -18.34 -6.86 8.72
C TYR B 39 -17.90 -6.89 7.25
N CYS B 40 -16.70 -7.37 7.02
CA CYS B 40 -16.03 -7.17 5.75
C CYS B 40 -15.60 -8.53 5.18
N ILE B 41 -15.77 -8.70 3.87
CA ILE B 41 -15.17 -9.81 3.16
C ILE B 41 -13.84 -9.30 2.59
N VAL B 42 -12.72 -9.79 3.10
CA VAL B 42 -11.42 -9.12 2.82
C VAL B 42 -10.83 -9.81 1.59
N ASP B 43 -11.31 -9.42 0.41
CA ASP B 43 -10.82 -10.05 -0.80
C ASP B 43 -9.40 -9.60 -1.15
N GLN B 44 -9.01 -8.39 -0.76
CA GLN B 44 -7.64 -7.96 -1.01
C GLN B 44 -6.66 -8.70 -0.11
N HIS B 45 -7.09 -9.12 1.09
CA HIS B 45 -6.25 -10.02 1.87
C HIS B 45 -6.17 -11.41 1.26
N ALA B 46 -7.27 -11.87 0.66
CA ALA B 46 -7.30 -13.23 0.10
C ALA B 46 -6.23 -13.42 -0.98
N ILE B 47 -5.97 -12.39 -1.79
CA ILE B 47 -5.10 -12.55 -2.96
C ILE B 47 -3.62 -12.60 -2.56
N THR B 48 -3.31 -12.46 -1.26
CA THR B 48 -1.94 -12.70 -0.82
C THR B 48 -1.55 -14.17 -0.93
N VAL B 49 -2.53 -15.01 -1.24
CA VAL B 49 -2.31 -16.46 -1.53
C VAL B 49 -2.91 -16.63 -2.92
N ARG B 50 -2.15 -17.12 -3.89
CA ARG B 50 -2.65 -17.16 -5.29
C ARG B 50 -3.95 -17.95 -5.39
N GLN B 51 -4.97 -17.33 -5.99
CA GLN B 51 -6.28 -17.98 -6.12
C GLN B 51 -6.78 -17.93 -7.56
N ASP B 52 -7.40 -19.02 -8.01
CA ASP B 52 -8.08 -18.97 -9.30
C ASP B 52 -9.11 -17.85 -9.31
N ALA B 53 -9.07 -17.04 -10.37
CA ALA B 53 -9.86 -15.81 -10.43
C ALA B 53 -11.35 -16.09 -10.37
N GLN B 54 -11.81 -17.10 -11.10
CA GLN B 54 -13.25 -17.43 -11.10
C GLN B 54 -13.64 -17.92 -9.70
N LYS B 55 -12.78 -18.71 -9.07
CA LYS B 55 -13.09 -19.21 -7.73
C LYS B 55 -13.14 -18.07 -6.73
N LEU B 56 -12.23 -17.10 -6.87
CA LEU B 56 -12.20 -15.99 -5.91
C LEU B 56 -13.49 -15.19 -6.00
N ARG B 57 -13.97 -14.92 -7.21
CA ARG B 57 -15.23 -14.19 -7.35
C ARG B 57 -16.40 -14.98 -6.76
N LYS B 58 -16.40 -16.29 -6.98
CA LYS B 58 -17.49 -17.14 -6.46
C LYS B 58 -17.39 -17.19 -4.94
N ALA B 59 -16.16 -17.31 -4.43
CA ALA B 59 -15.96 -17.41 -2.99
C ALA B 59 -16.43 -16.14 -2.28
N THR B 60 -16.26 -14.98 -2.91
CA THR B 60 -16.74 -13.71 -2.36
C THR B 60 -18.25 -13.75 -2.15
N LEU B 61 -18.99 -14.21 -3.17
CA LEU B 61 -20.44 -14.35 -3.02
C LEU B 61 -20.79 -15.45 -2.02
N ASP B 62 -20.07 -16.58 -2.06
CA ASP B 62 -20.33 -17.64 -1.09
C ASP B 62 -20.20 -17.10 0.32
N THR B 63 -19.11 -16.37 0.58
CA THR B 63 -18.85 -15.86 1.92
C THR B 63 -19.96 -14.92 2.36
N LEU B 64 -20.38 -14.03 1.47
CA LEU B 64 -21.45 -13.09 1.80
C LEU B 64 -22.74 -13.83 2.17
N ALA B 65 -23.11 -14.85 1.37
CA ALA B 65 -24.29 -15.63 1.71
C ALA B 65 -24.11 -16.39 3.03
N LEU B 66 -22.89 -16.86 3.30
CA LEU B 66 -22.61 -17.50 4.58
C LEU B 66 -22.76 -16.51 5.74
N TYR B 67 -22.33 -15.26 5.56
CA TYR B 67 -22.59 -14.25 6.59
C TYR B 67 -24.08 -14.15 6.86
N LEU B 68 -24.86 -13.99 5.79
CA LEU B 68 -26.30 -13.84 5.93
C LEU B 68 -26.94 -15.07 6.56
N ALA B 69 -26.50 -16.27 6.15
CA ALA B 69 -27.01 -17.50 6.74
C ALA B 69 -26.70 -17.56 8.23
N CYS B 70 -25.54 -17.06 8.64
CA CYS B 70 -25.21 -17.07 10.05
C CYS B 70 -26.09 -16.12 10.84
N GLY B 71 -26.83 -15.25 10.18
CA GLY B 71 -27.61 -14.25 10.86
C GLY B 71 -27.04 -12.86 10.86
N ILE B 72 -25.96 -12.59 10.11
CA ILE B 72 -25.58 -11.21 9.92
C ILE B 72 -26.65 -10.53 9.08
N ASP B 73 -27.18 -9.42 9.59
CA ASP B 73 -28.38 -8.80 9.04
C ASP B 73 -28.01 -7.47 8.39
N PRO B 74 -28.20 -7.30 7.07
CA PRO B 74 -27.73 -6.06 6.43
C PRO B 74 -28.46 -4.82 6.94
N GLU B 75 -29.62 -4.97 7.55
CA GLU B 75 -30.31 -3.82 8.11
C GLU B 75 -29.82 -3.47 9.51
N LYS B 76 -29.03 -4.33 10.14
CA LYS B 76 -28.40 -3.97 11.39
C LYS B 76 -26.93 -3.65 11.21
N SER B 77 -26.26 -4.43 10.38
CA SER B 77 -24.81 -4.41 10.23
C SER B 77 -24.46 -3.87 8.85
N THR B 78 -23.37 -3.13 8.79
CA THR B 78 -22.73 -2.90 7.50
C THR B 78 -22.01 -4.17 7.07
N ILE B 79 -22.36 -4.70 5.91
CA ILE B 79 -21.64 -5.81 5.29
C ILE B 79 -21.11 -5.36 3.93
N PHE B 80 -19.83 -5.61 3.67
CA PHE B 80 -19.27 -5.05 2.43
C PHE B 80 -18.00 -5.79 2.04
N VAL B 81 -17.65 -5.63 0.77
CA VAL B 81 -16.47 -6.28 0.20
C VAL B 81 -15.33 -5.28 0.24
N GLN B 82 -14.19 -5.71 0.78
CA GLN B 82 -13.07 -4.81 1.06
C GLN B 82 -12.64 -4.02 -0.18
N SER B 83 -12.57 -4.68 -1.33
CA SER B 83 -12.03 -3.99 -2.50
C SER B 83 -12.99 -2.94 -3.05
N HIS B 84 -14.24 -2.91 -2.57
CA HIS B 84 -15.22 -1.92 -2.98
C HIS B 84 -15.03 -0.60 -2.26
N VAL B 85 -14.14 -0.53 -1.29
CA VAL B 85 -13.89 0.68 -0.54
C VAL B 85 -12.42 1.05 -0.75
N PRO B 86 -12.10 1.90 -1.72
CA PRO B 86 -10.68 2.23 -2.02
C PRO B 86 -9.91 2.66 -0.80
N GLU B 87 -10.59 3.24 0.20
CA GLU B 87 -9.94 3.80 1.37
C GLU B 87 -9.17 2.75 2.16
N HIS B 88 -9.52 1.48 2.02
CA HIS B 88 -8.72 0.44 2.65
C HIS B 88 -7.30 0.41 2.07
N ALA B 89 -7.19 0.37 0.74
CA ALA B 89 -5.86 0.43 0.13
C ALA B 89 -5.14 1.71 0.52
N GLN B 90 -5.85 2.83 0.44
CA GLN B 90 -5.22 4.15 0.69
C GLN B 90 -4.63 4.24 2.11
N LEU B 91 -5.43 3.89 3.12
CA LEU B 91 -4.90 3.93 4.48
C LEU B 91 -3.84 2.85 4.68
N GLY B 92 -3.99 1.72 4.00
CA GLY B 92 -2.94 0.68 4.05
C GLY B 92 -1.57 1.23 3.71
N TRP B 93 -1.47 2.01 2.64
CA TRP B 93 -0.17 2.62 2.27
C TRP B 93 0.29 3.60 3.34
N ALA B 94 -0.57 4.53 3.71
CA ALA B 94 -0.16 5.56 4.69
C ALA B 94 0.40 4.87 5.93
N LEU B 95 -0.31 3.86 6.42
CA LEU B 95 0.13 3.18 7.64
C LEU B 95 1.39 2.31 7.42
N ASN B 96 1.64 1.85 6.20
CA ASN B 96 2.95 1.27 5.89
C ASN B 96 4.10 2.14 6.39
N CYS B 97 3.96 3.46 6.27
CA CYS B 97 5.01 4.40 6.64
C CYS B 97 5.12 4.63 8.13
N TYR B 98 4.24 4.02 8.94
CA TYR B 98 4.24 4.09 10.39
C TYR B 98 4.40 2.72 11.03
N THR B 99 4.74 1.71 10.24
CA THR B 99 4.94 0.34 10.68
C THR B 99 6.40 -0.02 10.48
N TYR B 100 7.02 -0.61 11.48
CA TYR B 100 8.43 -1.02 11.36
C TYR B 100 8.52 -2.34 10.61
N PHE B 101 9.58 -2.48 9.80
CA PHE B 101 9.82 -3.74 9.11
C PHE B 101 9.88 -4.91 10.07
N GLY B 102 10.53 -4.72 11.23
CA GLY B 102 10.64 -5.81 12.20
C GLY B 102 9.31 -6.29 12.72
N GLU B 103 8.37 -5.36 12.95
CA GLU B 103 7.06 -5.75 13.44
C GLU B 103 6.37 -6.71 12.47
N LEU B 104 6.62 -6.56 11.17
CA LEU B 104 6.01 -7.46 10.20
C LEU B 104 6.79 -8.77 10.05
N SER B 105 8.12 -8.75 10.17
CA SER B 105 8.88 -9.99 9.95
C SER B 105 8.74 -10.96 11.12
N ARG B 106 8.40 -10.45 12.30
CA ARG B 106 8.14 -11.28 13.47
C ARG B 106 6.76 -11.89 13.48
N MET B 107 5.95 -11.64 12.45
CA MET B 107 4.56 -12.09 12.46
C MET B 107 4.46 -13.60 12.29
N THR B 108 3.77 -14.23 13.24
CA THR B 108 3.56 -15.68 13.20
C THR B 108 2.83 -16.08 11.94
N GLN B 109 1.80 -15.33 11.55
CA GLN B 109 1.06 -15.67 10.34
C GLN B 109 1.96 -15.57 9.10
N PHE B 110 2.79 -14.53 9.03
CA PHE B 110 3.71 -14.41 7.89
C PHE B 110 4.62 -15.62 7.80
N LYS B 111 5.21 -16.02 8.93
CA LYS B 111 6.09 -17.19 8.94
C LYS B 111 5.34 -18.46 8.56
N ASP B 112 4.16 -18.68 9.16
CA ASP B 112 3.39 -19.90 8.86
C ASP B 112 3.00 -19.97 7.40
N LYS B 113 2.52 -18.85 6.84
CA LYS B 113 2.13 -18.86 5.44
C LYS B 113 3.34 -18.91 4.53
N SER B 114 4.48 -18.39 4.97
CA SER B 114 5.72 -18.53 4.23
C SER B 114 6.06 -20.00 4.01
N ALA B 115 6.06 -20.80 5.10
CA ALA B 115 6.43 -22.20 4.98
C ALA B 115 5.46 -22.96 4.09
N ARG B 116 4.19 -22.59 4.15
CA ARG B 116 3.14 -23.28 3.41
C ARG B 116 3.05 -22.84 1.95
N TYR B 117 3.44 -21.60 1.65
CA TYR B 117 3.41 -21.06 0.28
C TYR B 117 4.77 -20.50 -0.09
N ALA B 118 5.82 -21.32 0.13
CA ALA B 118 7.20 -20.91 -0.11
C ALA B 118 7.47 -20.52 -1.57
N GLU B 119 6.66 -20.99 -2.51
CA GLU B 119 6.70 -20.63 -3.91
C GLU B 119 6.06 -19.27 -4.20
N ASN B 120 5.37 -18.68 -3.23
CA ASN B 120 4.68 -17.39 -3.38
C ASN B 120 4.84 -16.54 -2.12
N ILE B 121 6.07 -16.36 -1.66
CA ILE B 121 6.31 -15.51 -0.51
C ILE B 121 6.33 -14.08 -1.04
N ASN B 122 5.15 -13.49 -1.14
CA ASN B 122 5.00 -12.19 -1.77
C ASN B 122 4.93 -11.08 -0.73
N ALA B 123 5.03 -9.84 -1.23
CA ALA B 123 4.99 -8.66 -0.38
C ALA B 123 3.62 -8.45 0.26
N GLY B 124 2.55 -8.88 -0.40
CA GLY B 124 1.23 -8.80 0.22
C GLY B 124 1.15 -9.65 1.47
N LEU B 125 1.73 -10.86 1.42
CA LEU B 125 1.80 -11.73 2.59
C LEU B 125 2.57 -11.06 3.72
N PHE B 126 3.65 -10.35 3.39
CA PHE B 126 4.45 -9.66 4.40
C PHE B 126 3.73 -8.43 4.94
N ASP B 127 3.16 -7.63 4.03
CA ASP B 127 2.46 -6.39 4.33
C ASP B 127 1.06 -6.61 4.89
N TYR B 128 0.56 -7.84 4.85
CA TYR B 128 -0.76 -8.22 5.36
C TYR B 128 -1.21 -7.48 6.61
N PRO B 129 -0.44 -7.44 7.72
CA PRO B 129 -0.97 -6.79 8.94
C PRO B 129 -1.32 -5.32 8.77
N VAL B 130 -0.63 -4.61 7.90
CA VAL B 130 -0.85 -3.16 7.78
C VAL B 130 -2.20 -2.86 7.14
N LEU B 131 -2.53 -3.58 6.07
CA LEU B 131 -3.86 -3.47 5.50
C LEU B 131 -4.93 -3.84 6.52
N MET B 132 -4.70 -4.90 7.31
CA MET B 132 -5.61 -5.23 8.40
C MET B 132 -5.76 -4.06 9.36
N ALA B 133 -4.63 -3.46 9.76
CA ALA B 133 -4.65 -2.26 10.58
C ALA B 133 -5.53 -1.20 9.96
N ALA B 134 -5.39 -1.02 8.63
CA ALA B 134 -6.22 -0.05 7.93
C ALA B 134 -7.69 -0.44 7.99
N ASP B 135 -8.00 -1.71 7.77
CA ASP B 135 -9.39 -2.15 7.81
C ASP B 135 -10.04 -1.72 9.11
N ILE B 136 -9.32 -1.86 10.22
CA ILE B 136 -9.89 -1.57 11.53
C ILE B 136 -9.95 -0.08 11.80
N LEU B 137 -8.82 0.61 11.61
CA LEU B 137 -8.68 2.00 12.04
C LEU B 137 -9.57 2.94 11.23
N LEU B 138 -9.88 2.56 9.98
CA LEU B 138 -10.74 3.37 9.14
C LEU B 138 -12.09 3.67 9.81
N TYR B 139 -12.57 2.79 10.69
CA TYR B 139 -13.96 2.88 11.14
C TYR B 139 -14.08 3.33 12.58
N GLN B 140 -13.02 3.87 13.16
CA GLN B 140 -13.03 4.33 14.54
C GLN B 140 -13.39 3.18 15.47
N THR B 141 -12.89 1.99 15.13
CA THR B 141 -13.37 0.75 15.70
C THR B 141 -13.01 0.65 17.17
N ASN B 142 -13.98 0.26 17.98
CA ASN B 142 -13.72 0.01 19.39
C ASN B 142 -13.42 -1.46 19.66
N LEU B 143 -14.09 -2.38 18.95
CA LEU B 143 -13.96 -3.79 19.25
C LEU B 143 -13.75 -4.59 17.99
N VAL B 144 -12.85 -5.58 18.06
CA VAL B 144 -12.59 -6.49 16.94
C VAL B 144 -12.79 -7.94 17.36
N PRO B 145 -13.92 -8.56 17.01
CA PRO B 145 -14.12 -9.98 17.36
C PRO B 145 -13.36 -10.89 16.43
N VAL B 146 -12.30 -11.52 16.94
CA VAL B 146 -11.49 -12.40 16.13
C VAL B 146 -11.14 -13.64 16.94
N GLY B 147 -10.76 -14.67 16.21
CA GLY B 147 -10.16 -15.82 16.85
C GLY B 147 -8.77 -15.50 17.37
N GLU B 148 -8.24 -16.50 18.07
CA GLU B 148 -7.01 -16.33 18.82
C GLU B 148 -5.81 -16.12 17.89
N ASP B 149 -5.85 -16.72 16.70
CA ASP B 149 -4.77 -16.62 15.74
C ASP B 149 -4.61 -15.21 15.16
N GLN B 150 -5.58 -14.31 15.35
CA GLN B 150 -5.44 -12.94 14.88
C GLN B 150 -4.99 -11.98 15.97
N LYS B 151 -4.69 -12.49 17.17
CA LYS B 151 -4.34 -11.62 18.30
C LYS B 151 -3.11 -10.78 18.00
N GLN B 152 -2.06 -11.41 17.45
CA GLN B 152 -0.85 -10.67 17.14
C GLN B 152 -1.14 -9.58 16.12
N HIS B 153 -1.88 -9.94 15.06
CA HIS B 153 -2.29 -8.94 14.07
C HIS B 153 -3.03 -7.80 14.75
N LEU B 154 -3.97 -8.11 15.66
CA LEU B 154 -4.76 -7.07 16.28
C LEU B 154 -3.91 -6.18 17.18
N GLU B 155 -2.95 -6.76 17.90
CA GLU B 155 -2.07 -5.97 18.76
C GLU B 155 -1.18 -5.01 17.96
N LEU B 156 -0.72 -5.40 16.76
CA LEU B 156 0.02 -4.47 15.93
C LEU B 156 -0.83 -3.26 15.57
N SER B 157 -2.10 -3.50 15.26
CA SER B 157 -2.96 -2.38 14.88
C SER B 157 -3.24 -1.45 16.07
N ARG B 158 -3.20 -1.95 17.31
CA ARG B 158 -3.21 -1.02 18.43
C ARG B 158 -1.90 -0.24 18.51
N ASP B 159 -0.76 -0.91 18.27
CA ASP B 159 0.52 -0.20 18.28
C ASP B 159 0.56 0.86 17.19
N ILE B 160 0.08 0.53 15.99
CA ILE B 160 0.07 1.50 14.90
C ILE B 160 -0.81 2.69 15.27
N ALA B 161 -1.99 2.42 15.82
CA ALA B 161 -2.90 3.51 16.17
C ALA B 161 -2.28 4.42 17.23
N GLN B 162 -1.68 3.84 18.26
CA GLN B 162 -1.06 4.66 19.31
C GLN B 162 0.13 5.43 18.75
N ARG B 163 0.95 4.79 17.92
CA ARG B 163 2.07 5.48 17.31
C ARG B 163 1.59 6.67 16.48
N PHE B 164 0.57 6.47 15.66
CA PHE B 164 0.05 7.55 14.82
C PHE B 164 -0.59 8.64 15.65
N ASN B 165 -1.38 8.25 16.65
CA ASN B 165 -2.04 9.24 17.50
C ASN B 165 -1.03 10.10 18.25
N ALA B 166 0.06 9.47 18.70
CA ALA B 166 1.09 10.19 19.44
C ALA B 166 1.74 11.27 18.60
N LEU B 167 1.71 11.13 17.28
CA LEU B 167 2.26 12.16 16.42
C LEU B 167 1.23 13.23 16.10
N TYR B 168 -0.03 12.83 15.93
CA TYR B 168 -0.99 13.63 15.17
C TYR B 168 -2.28 13.95 15.90
N GLY B 169 -2.45 13.49 17.13
CA GLY B 169 -3.73 13.67 17.83
C GLY B 169 -4.57 12.41 17.74
N GLU B 170 -5.78 12.53 18.28
CA GLU B 170 -6.72 11.40 18.41
C GLU B 170 -7.42 11.15 17.08
N ILE B 171 -6.63 10.72 16.11
CA ILE B 171 -7.19 10.49 14.79
C ILE B 171 -7.89 9.15 14.75
N PHE B 172 -7.28 8.16 15.38
CA PHE B 172 -7.81 6.81 15.44
C PHE B 172 -8.28 6.51 16.85
N LYS B 173 -9.29 5.64 16.96
CA LYS B 173 -9.53 4.93 18.19
C LYS B 173 -8.55 3.79 18.31
N VAL B 174 -8.13 3.50 19.54
CA VAL B 174 -7.34 2.31 19.82
C VAL B 174 -8.31 1.14 19.94
N PRO B 175 -8.25 0.16 19.05
CA PRO B 175 -9.22 -0.93 19.11
C PRO B 175 -8.87 -1.95 20.19
N GLU B 176 -9.90 -2.66 20.66
CA GLU B 176 -9.69 -3.71 21.66
C GLU B 176 -10.09 -5.07 21.10
N PRO B 177 -9.34 -6.12 21.39
CA PRO B 177 -9.76 -7.44 20.91
C PRO B 177 -11.00 -7.92 21.63
N PHE B 178 -11.80 -8.69 20.91
CA PHE B 178 -12.91 -9.40 21.53
C PHE B 178 -12.78 -10.86 21.10
N ILE B 179 -12.11 -11.64 21.94
CA ILE B 179 -11.75 -13.02 21.65
C ILE B 179 -12.45 -13.90 22.66
N PRO B 180 -13.31 -14.82 22.23
CA PRO B 180 -14.15 -15.56 23.19
C PRO B 180 -13.34 -16.47 24.09
N LYS B 181 -13.79 -16.57 25.34
CA LYS B 181 -13.13 -17.45 26.31
C LYS B 181 -13.14 -18.90 25.83
N SER B 182 -14.25 -19.34 25.24
CA SER B 182 -14.40 -20.69 24.69
C SER B 182 -14.59 -20.63 23.17
N GLY B 183 -13.83 -21.44 22.46
CA GLY B 183 -13.90 -21.44 21.00
C GLY B 183 -13.05 -20.41 20.30
N ALA B 184 -12.07 -19.83 20.97
CA ALA B 184 -11.16 -18.91 20.30
C ALA B 184 -10.15 -19.62 19.41
N ARG B 185 -9.91 -20.91 19.67
CA ARG B 185 -8.95 -21.71 18.88
C ARG B 185 -9.50 -23.15 18.75
N VAL B 186 -10.48 -23.32 17.89
CA VAL B 186 -11.03 -24.66 17.66
C VAL B 186 -9.92 -25.54 17.11
N MET B 187 -9.82 -26.78 17.62
CA MET B 187 -8.71 -27.66 17.30
C MET B 187 -9.09 -28.68 16.24
N SER B 188 -8.06 -29.25 15.60
CA SER B 188 -8.28 -30.25 14.56
C SER B 188 -8.83 -31.54 15.18
N LEU B 189 -9.76 -32.18 14.46
CA LEU B 189 -10.47 -33.32 15.05
C LEU B 189 -9.53 -34.50 15.31
N LEU B 190 -8.63 -34.79 14.37
CA LEU B 190 -7.70 -35.91 14.53
C LEU B 190 -6.37 -35.51 15.14
N GLU B 191 -6.15 -34.21 15.39
CA GLU B 191 -4.89 -33.72 15.97
C GLU B 191 -5.21 -32.53 16.87
N PRO B 192 -5.83 -32.76 18.03
CA PRO B 192 -6.37 -31.64 18.80
C PRO B 192 -5.32 -30.74 19.43
N THR B 193 -4.06 -30.91 19.05
CA THR B 193 -2.99 -29.99 19.50
C THR B 193 -2.75 -28.99 18.39
N LYS B 194 -3.40 -29.18 17.25
CA LYS B 194 -3.25 -28.30 16.10
C LYS B 194 -4.56 -27.55 15.85
N LYS B 195 -4.47 -26.25 15.59
CA LYS B 195 -5.69 -25.48 15.31
C LYS B 195 -6.36 -26.00 14.05
N MET B 196 -7.69 -25.98 14.03
CA MET B 196 -8.40 -26.43 12.84
C MET B 196 -8.26 -25.34 11.78
N SER B 197 -7.82 -25.74 10.59
CA SER B 197 -7.38 -24.81 9.55
C SER B 197 -8.09 -25.09 8.23
N LYS B 198 -8.63 -24.05 7.62
CA LYS B 198 -9.24 -24.24 6.28
C LYS B 198 -8.23 -24.88 5.31
N SER B 199 -6.93 -24.62 5.48
CA SER B 199 -6.02 -25.08 4.45
C SER B 199 -5.47 -26.47 4.72
N ASP B 200 -5.98 -27.16 5.75
CA ASP B 200 -5.47 -28.49 6.07
C ASP B 200 -5.69 -29.45 4.92
N ASP B 201 -4.63 -30.17 4.55
CA ASP B 201 -4.79 -31.19 3.51
C ASP B 201 -5.51 -32.42 4.06
N ASN B 202 -5.37 -32.71 5.35
CA ASN B 202 -6.17 -33.75 6.00
C ASN B 202 -7.53 -33.16 6.31
N ARG B 203 -8.48 -33.42 5.43
CA ARG B 203 -9.83 -32.83 5.59
C ARG B 203 -10.58 -33.50 6.74
N ASN B 204 -10.11 -34.66 7.20
CA ASN B 204 -10.79 -35.23 8.35
C ASN B 204 -10.56 -34.41 9.62
N ASN B 205 -9.67 -33.42 9.57
CA ASN B 205 -9.47 -32.51 10.69
C ASN B 205 -10.52 -31.41 10.76
N VAL B 206 -11.27 -31.18 9.70
CA VAL B 206 -11.97 -29.92 9.49
C VAL B 206 -13.47 -30.17 9.37
N ILE B 207 -14.24 -29.32 10.06
CA ILE B 207 -15.68 -29.22 9.86
C ILE B 207 -15.93 -27.99 9.00
N GLY B 208 -16.47 -28.20 7.80
CA GLY B 208 -16.82 -27.09 6.94
C GLY B 208 -18.24 -26.63 7.25
N LEU B 209 -18.44 -25.31 7.27
CA LEU B 209 -19.77 -24.78 7.50
C LEU B 209 -20.71 -25.15 6.37
N LEU B 210 -20.18 -25.37 5.18
CA LEU B 210 -21.00 -25.73 4.03
C LEU B 210 -20.88 -27.20 3.69
N GLU B 211 -20.12 -27.95 4.49
CA GLU B 211 -19.89 -29.36 4.23
C GLU B 211 -21.16 -30.16 4.50
N ASP B 212 -21.28 -31.29 3.80
CA ASP B 212 -22.41 -32.20 3.97
C ASP B 212 -22.51 -32.63 5.44
N PRO B 213 -23.65 -32.42 6.09
CA PRO B 213 -23.76 -32.81 7.51
C PRO B 213 -23.42 -34.26 7.76
N LYS B 214 -23.75 -35.16 6.83
CA LYS B 214 -23.42 -36.58 7.00
C LYS B 214 -21.91 -36.77 7.11
N SER B 215 -21.16 -36.09 6.26
CA SER B 215 -19.71 -36.15 6.36
C SER B 215 -19.23 -35.53 7.66
N VAL B 216 -19.91 -34.50 8.16
CA VAL B 216 -19.48 -33.87 9.41
C VAL B 216 -19.72 -34.81 10.59
N VAL B 217 -20.85 -35.51 10.59
CA VAL B 217 -21.12 -36.46 11.66
C VAL B 217 -20.05 -37.54 11.67
N LYS B 218 -19.70 -38.04 10.49
CA LYS B 218 -18.67 -39.08 10.41
C LYS B 218 -17.36 -38.58 11.00
N LYS B 219 -16.98 -37.32 10.72
CA LYS B 219 -15.71 -36.80 11.23
C LYS B 219 -15.77 -36.58 12.74
N ILE B 220 -16.89 -36.09 13.24
CA ILE B 220 -16.96 -35.84 14.67
C ILE B 220 -16.95 -37.16 15.45
N LYS B 221 -17.62 -38.20 14.93
CA LYS B 221 -17.58 -39.48 15.64
C LYS B 221 -16.16 -40.04 15.71
N ARG B 222 -15.28 -39.61 14.82
CA ARG B 222 -13.92 -40.11 14.76
C ARG B 222 -12.93 -39.22 15.48
N ALA B 223 -13.40 -38.16 16.14
CA ALA B 223 -12.50 -37.23 16.82
C ALA B 223 -11.67 -37.96 17.85
N VAL B 224 -10.39 -37.64 17.94
CA VAL B 224 -9.56 -38.38 18.87
C VAL B 224 -9.74 -37.76 20.23
N THR B 225 -9.66 -38.61 21.25
CA THR B 225 -9.89 -38.19 22.62
C THR B 225 -8.81 -38.83 23.48
N ASP B 226 -8.60 -38.25 24.65
CA ASP B 226 -7.54 -38.70 25.54
C ASP B 226 -7.77 -40.16 25.96
N SER B 227 -6.77 -40.71 26.64
CA SER B 227 -6.83 -42.09 27.13
C SER B 227 -6.97 -42.14 28.65
N ASP B 228 -7.71 -41.17 29.22
CA ASP B 228 -7.98 -41.17 30.66
C ASP B 228 -8.74 -42.44 31.06
N GLU B 229 -8.33 -43.04 32.17
CA GLU B 229 -9.01 -44.26 32.67
C GLU B 229 -9.42 -43.98 34.12
N PRO B 230 -10.74 -43.98 34.41
CA PRO B 230 -11.78 -44.19 33.41
C PRO B 230 -11.95 -42.95 32.56
N PRO B 231 -12.57 -43.03 31.39
CA PRO B 231 -12.94 -41.81 30.65
C PRO B 231 -13.87 -40.93 31.47
N VAL B 232 -13.64 -39.61 31.42
CA VAL B 232 -14.48 -38.62 32.09
C VAL B 232 -14.63 -37.43 31.18
N VAL B 233 -15.87 -36.99 30.98
CA VAL B 233 -16.16 -35.83 30.13
C VAL B 233 -15.99 -34.60 31.02
N ARG B 234 -14.76 -34.10 31.09
CA ARG B 234 -14.39 -32.96 31.91
C ARG B 234 -13.60 -31.98 31.06
N TYR B 235 -13.81 -30.69 31.30
CA TYR B 235 -13.18 -29.66 30.50
C TYR B 235 -11.78 -29.38 31.02
N ASP B 236 -10.79 -29.65 30.19
CA ASP B 236 -9.39 -29.41 30.56
C ASP B 236 -8.64 -29.31 29.24
N VAL B 237 -8.41 -28.07 28.79
CA VAL B 237 -7.89 -27.91 27.44
C VAL B 237 -6.47 -28.45 27.32
N GLN B 238 -5.69 -28.39 28.40
CA GLN B 238 -4.32 -28.87 28.33
C GLN B 238 -4.25 -30.40 28.23
N ASN B 239 -4.84 -31.11 29.19
CA ASN B 239 -4.67 -32.56 29.29
C ASN B 239 -5.77 -33.37 28.63
N LYS B 240 -6.87 -32.72 28.23
CA LYS B 240 -8.03 -33.38 27.64
C LYS B 240 -8.47 -32.63 26.40
N ALA B 241 -7.52 -32.40 25.49
CA ALA B 241 -7.73 -31.43 24.41
C ALA B 241 -8.89 -31.84 23.53
N GLY B 242 -8.92 -33.09 23.09
CA GLY B 242 -9.99 -33.51 22.20
C GLY B 242 -11.35 -33.35 22.82
N VAL B 243 -11.50 -33.83 24.07
CA VAL B 243 -12.77 -33.74 24.77
C VAL B 243 -13.19 -32.29 24.95
N SER B 244 -12.25 -31.44 25.39
CA SER B 244 -12.58 -30.04 25.63
C SER B 244 -12.99 -29.33 24.34
N ASN B 245 -12.32 -29.65 23.23
CA ASN B 245 -12.65 -29.10 21.93
C ASN B 245 -14.07 -29.48 21.53
N LEU B 246 -14.42 -30.76 21.74
CA LEU B 246 -15.80 -31.20 21.48
C LEU B 246 -16.80 -30.50 22.40
N LEU B 247 -16.44 -30.28 23.66
CA LEU B 247 -17.29 -29.52 24.56
C LEU B 247 -17.48 -28.09 24.06
N ASP B 248 -16.40 -27.43 23.62
CA ASP B 248 -16.51 -26.10 23.02
C ASP B 248 -17.47 -26.12 21.85
N ILE B 249 -17.36 -27.15 20.98
CA ILE B 249 -18.17 -27.19 19.77
C ILE B 249 -19.65 -27.35 20.11
N LEU B 250 -19.95 -28.27 21.04
CA LEU B 250 -21.33 -28.43 21.43
C LEU B 250 -21.84 -27.15 22.07
N SER B 251 -21.02 -26.53 22.91
CA SER B 251 -21.38 -25.25 23.52
C SER B 251 -21.75 -24.22 22.47
N ALA B 252 -20.98 -24.14 21.39
CA ALA B 252 -21.25 -23.20 20.32
C ALA B 252 -22.56 -23.48 19.62
N VAL B 253 -23.05 -24.71 19.67
CA VAL B 253 -24.34 -25.00 19.04
C VAL B 253 -25.50 -24.74 19.99
N THR B 254 -25.43 -25.25 21.22
CA THR B 254 -26.55 -25.15 22.15
C THR B 254 -26.59 -23.85 22.92
N GLY B 255 -25.45 -23.20 23.14
CA GLY B 255 -25.37 -22.08 24.05
C GLY B 255 -25.30 -22.44 25.52
N GLN B 256 -25.21 -23.74 25.83
CA GLN B 256 -24.99 -24.13 27.22
C GLN B 256 -23.55 -23.86 27.60
N SER B 257 -23.35 -23.48 28.86
CA SER B 257 -22.02 -23.23 29.36
C SER B 257 -21.26 -24.53 29.48
N ILE B 258 -19.93 -24.41 29.49
CA ILE B 258 -19.10 -25.57 29.73
C ILE B 258 -19.50 -26.33 31.00
N PRO B 259 -19.70 -25.68 32.16
CA PRO B 259 -20.11 -26.43 33.35
C PRO B 259 -21.48 -27.11 33.24
N GLU B 260 -22.45 -26.51 32.55
CA GLU B 260 -23.71 -27.22 32.34
C GLU B 260 -23.52 -28.46 31.48
N LEU B 261 -22.57 -28.43 30.54
CA LEU B 261 -22.31 -29.62 29.74
C LEU B 261 -21.54 -30.66 30.55
N GLU B 262 -20.63 -30.24 31.42
CA GLU B 262 -19.94 -31.21 32.27
C GLU B 262 -20.93 -31.92 33.20
N LYS B 263 -21.88 -31.18 33.79
CA LYS B 263 -22.90 -31.81 34.60
C LYS B 263 -23.79 -32.72 33.76
N GLN B 264 -24.04 -32.34 32.51
CA GLN B 264 -24.91 -33.12 31.64
C GLN B 264 -24.27 -34.43 31.22
N PHE B 265 -22.94 -34.51 31.22
CA PHE B 265 -22.22 -35.69 30.76
C PHE B 265 -21.62 -36.48 31.92
N GLU B 266 -22.01 -36.17 33.15
CA GLU B 266 -21.58 -36.99 34.27
C GLU B 266 -22.03 -38.43 34.03
N GLY B 267 -21.15 -39.37 34.38
CA GLY B 267 -21.45 -40.76 34.12
C GLY B 267 -21.57 -41.13 32.66
N LYS B 268 -21.01 -40.31 31.75
CA LYS B 268 -21.08 -40.57 30.32
C LYS B 268 -19.69 -40.65 29.72
N MET B 269 -19.56 -41.41 28.66
CA MET B 269 -18.24 -41.61 28.10
C MET B 269 -18.13 -40.89 26.76
N TYR B 270 -16.97 -41.05 26.14
CA TYR B 270 -16.64 -40.25 24.96
C TYR B 270 -17.53 -40.63 23.78
N GLY B 271 -17.86 -41.91 23.65
CA GLY B 271 -18.72 -42.32 22.56
C GLY B 271 -20.06 -41.62 22.59
N HIS B 272 -20.65 -41.50 23.79
CA HIS B 272 -21.88 -40.73 23.92
C HIS B 272 -21.64 -39.26 23.61
N LEU B 273 -20.46 -38.75 24.02
CA LEU B 273 -20.15 -37.34 23.84
C LEU B 273 -20.08 -36.98 22.38
N LYS B 274 -19.21 -37.67 21.63
CA LYS B 274 -19.08 -37.41 20.20
C LYS B 274 -20.41 -37.55 19.49
N GLY B 275 -21.26 -38.46 19.96
CA GLY B 275 -22.58 -38.61 19.37
C GLY B 275 -23.44 -37.37 19.53
N GLU B 276 -23.47 -36.81 20.75
CA GLU B 276 -24.23 -35.59 21.00
C GLU B 276 -23.66 -34.42 20.20
N VAL B 277 -22.35 -34.23 20.24
CA VAL B 277 -21.74 -33.18 19.43
C VAL B 277 -22.11 -33.37 17.97
N ALA B 278 -22.05 -34.61 17.49
CA ALA B 278 -22.39 -34.91 16.10
C ALA B 278 -23.81 -34.50 15.78
N ASP B 279 -24.78 -34.96 16.58
CA ASP B 279 -26.17 -34.61 16.29
C ASP B 279 -26.39 -33.10 16.39
N ALA B 280 -25.78 -32.45 17.37
CA ALA B 280 -25.97 -31.01 17.55
C ALA B 280 -25.40 -30.23 16.38
N VAL B 281 -24.19 -30.57 15.95
CA VAL B 281 -23.59 -29.85 14.83
C VAL B 281 -24.32 -30.18 13.52
N SER B 282 -24.74 -31.44 13.37
CA SER B 282 -25.50 -31.82 12.18
C SER B 282 -26.76 -30.98 12.06
N GLY B 283 -27.47 -30.81 13.17
CA GLY B 283 -28.67 -29.98 13.13
C GLY B 283 -28.36 -28.54 12.76
N MET B 284 -27.34 -27.96 13.39
CA MET B 284 -26.99 -26.57 13.15
C MET B 284 -26.56 -26.32 11.70
N LEU B 285 -25.68 -27.18 11.17
CA LEU B 285 -25.23 -27.01 9.79
C LEU B 285 -26.36 -27.23 8.79
N THR B 286 -27.28 -28.15 9.09
CA THR B 286 -28.41 -28.40 8.19
C THR B 286 -29.30 -27.17 8.06
N GLU B 287 -29.63 -26.54 9.19
CA GLU B 287 -30.41 -25.30 9.13
C GLU B 287 -29.60 -24.18 8.49
N LEU B 288 -28.30 -24.11 8.81
CA LEU B 288 -27.44 -23.07 8.24
C LEU B 288 -27.41 -23.16 6.73
N GLN B 289 -27.30 -24.37 6.19
CA GLN B 289 -27.17 -24.53 4.74
C GLN B 289 -28.50 -24.32 4.03
N GLU B 290 -29.61 -24.50 4.73
CA GLU B 290 -30.91 -24.16 4.10
C GLU B 290 -31.01 -22.63 3.96
N ARG B 291 -30.57 -21.89 4.98
CA ARG B 291 -30.59 -20.44 4.84
C ARG B 291 -29.57 -19.98 3.83
N TYR B 292 -28.41 -20.65 3.83
CA TYR B 292 -27.34 -20.28 2.92
C TYR B 292 -27.85 -20.29 1.48
N HIS B 293 -28.49 -21.38 1.06
CA HIS B 293 -28.86 -21.50 -0.35
C HIS B 293 -29.92 -20.48 -0.73
N ARG B 294 -30.87 -20.19 0.17
CA ARG B 294 -31.86 -19.16 -0.14
C ARG B 294 -31.19 -17.80 -0.42
N PHE B 295 -30.21 -17.43 0.40
CA PHE B 295 -29.45 -16.20 0.15
C PHE B 295 -28.57 -16.34 -1.09
N ARG B 296 -27.84 -17.46 -1.21
CA ARG B 296 -26.80 -17.56 -2.22
C ARG B 296 -27.37 -17.57 -3.64
N ASN B 297 -28.57 -18.13 -3.80
CA ASN B 297 -29.22 -18.27 -5.13
C ASN B 297 -29.88 -16.97 -5.57
N ASP B 298 -29.87 -15.94 -4.74
CA ASP B 298 -30.40 -14.64 -5.10
C ASP B 298 -29.23 -13.67 -5.27
N GLU B 299 -28.59 -13.74 -6.43
CA GLU B 299 -27.41 -12.89 -6.62
C GLU B 299 -27.80 -11.42 -6.66
N ALA B 300 -28.99 -11.09 -7.17
CA ALA B 300 -29.41 -9.70 -7.14
C ALA B 300 -29.54 -9.20 -5.71
N PHE B 301 -29.91 -10.07 -4.76
CA PHE B 301 -29.93 -9.64 -3.36
C PHE B 301 -28.51 -9.45 -2.84
N LEU B 302 -27.63 -10.42 -3.12
CA LEU B 302 -26.22 -10.26 -2.78
C LEU B 302 -25.67 -8.96 -3.32
N GLN B 303 -25.98 -8.64 -4.58
CA GLN B 303 -25.49 -7.40 -5.17
C GLN B 303 -26.01 -6.19 -4.41
N GLN B 304 -27.27 -6.22 -3.99
CA GLN B 304 -27.85 -5.04 -3.30
C GLN B 304 -27.16 -4.87 -1.95
N VAL B 305 -26.93 -5.98 -1.25
CA VAL B 305 -26.25 -5.89 0.04
C VAL B 305 -24.86 -5.28 -0.13
N MET B 306 -24.12 -5.75 -1.13
CA MET B 306 -22.76 -5.25 -1.36
C MET B 306 -22.78 -3.75 -1.64
N LYS B 307 -23.69 -3.31 -2.52
CA LYS B 307 -23.78 -1.90 -2.86
C LYS B 307 -24.16 -1.05 -1.64
N ASP B 308 -25.18 -1.47 -0.89
CA ASP B 308 -25.60 -0.70 0.30
C ASP B 308 -24.47 -0.69 1.32
N GLY B 309 -23.83 -1.84 1.50
CA GLY B 309 -22.76 -1.93 2.48
C GLY B 309 -21.55 -1.08 2.11
N ALA B 310 -21.08 -1.18 0.86
CA ALA B 310 -19.92 -0.36 0.46
C ALA B 310 -20.23 1.11 0.66
N GLU B 311 -21.45 1.51 0.35
CA GLU B 311 -21.84 2.89 0.50
C GLU B 311 -21.84 3.31 1.97
N LYS B 312 -22.40 2.46 2.86
CA LYS B 312 -22.34 2.75 4.28
C LYS B 312 -20.91 2.78 4.78
N ALA B 313 -20.08 1.83 4.32
CA ALA B 313 -18.69 1.79 4.74
C ALA B 313 -17.92 3.01 4.27
N SER B 314 -18.13 3.42 3.01
CA SER B 314 -17.35 4.51 2.43
C SER B 314 -17.54 5.82 3.20
N ALA B 315 -18.77 6.15 3.55
CA ALA B 315 -19.02 7.37 4.33
C ALA B 315 -18.12 7.43 5.56
N HIS B 316 -17.99 6.32 6.26
CA HIS B 316 -17.18 6.36 7.51
C HIS B 316 -15.69 6.33 7.13
N ALA B 317 -15.33 5.51 6.15
CA ALA B 317 -13.91 5.39 5.84
C ALA B 317 -13.36 6.69 5.27
N SER B 318 -14.13 7.38 4.42
CA SER B 318 -13.61 8.62 3.84
C SER B 318 -13.40 9.66 4.92
N ARG B 319 -14.29 9.70 5.91
CA ARG B 319 -14.13 10.67 6.99
C ARG B 319 -12.82 10.42 7.75
N THR B 320 -12.53 9.16 8.09
CA THR B 320 -11.24 8.88 8.74
C THR B 320 -10.06 9.17 7.80
N LEU B 321 -10.13 8.70 6.55
CA LEU B 321 -9.00 8.89 5.63
C LEU B 321 -8.71 10.36 5.41
N LYS B 322 -9.77 11.18 5.30
CA LYS B 322 -9.54 12.62 5.17
C LYS B 322 -8.78 13.17 6.36
N ALA B 323 -9.12 12.73 7.58
CA ALA B 323 -8.38 13.20 8.75
C ALA B 323 -6.94 12.72 8.72
N VAL B 324 -6.70 11.47 8.31
CA VAL B 324 -5.33 10.98 8.21
C VAL B 324 -4.55 11.85 7.24
N TYR B 325 -5.14 12.09 6.06
CA TYR B 325 -4.43 12.82 5.03
C TYR B 325 -4.11 14.23 5.49
N GLU B 326 -5.04 14.85 6.21
CA GLU B 326 -4.78 16.21 6.76
C GLU B 326 -3.62 16.13 7.76
N ALA B 327 -3.59 15.10 8.59
CA ALA B 327 -2.58 15.04 9.65
C ALA B 327 -1.19 14.79 9.10
N ILE B 328 -1.04 13.86 8.15
CA ILE B 328 0.29 13.61 7.64
C ILE B 328 0.78 14.71 6.71
N GLY B 329 -0.09 15.62 6.27
CA GLY B 329 0.34 16.75 5.46
C GLY B 329 0.13 16.65 3.96
N PHE B 330 -0.83 15.83 3.53
CA PHE B 330 -1.15 15.75 2.08
C PHE B 330 -2.04 16.89 1.68
N VAL B 331 -1.79 17.43 0.49
CA VAL B 331 -2.71 18.46 -0.05
C VAL B 331 -4.03 17.72 -0.31
N ALA B 332 -5.12 18.28 0.19
CA ALA B 332 -6.43 17.64 0.01
C ALA B 332 -6.88 17.74 -1.44
N LYS B 333 -7.57 16.72 -1.90
CA LYS B 333 -8.07 16.71 -3.29
C LYS B 333 -9.13 17.80 -3.46
N PRO B 334 -8.97 18.72 -4.42
CA PRO B 334 -9.99 19.71 -4.73
C PRO B 334 -11.29 18.98 -4.98
N HIS B 335 -12.41 19.50 -4.48
CA HIS B 335 -13.68 18.76 -4.63
C HIS B 335 -14.48 19.33 -5.82
C4 A1EHM C . 11.12 8.33 -8.26
C6 A1EHM C . 9.63 7.79 -10.51
C7 A1EHM C . 8.68 7.50 -9.53
C8 A1EHM C . 7.50 6.83 -9.88
C10 A1EHM C . 7.47 7.24 -7.70
C11 A1EHM C . 8.65 7.76 -8.15
C12 A1EHM C . 9.80 8.51 -7.52
C13 A1EHM C . 7.26 6.45 -11.20
C14 A1EHM C . 8.21 6.74 -12.16
C15 A1EHM C . 9.39 7.40 -11.83
C2 A1EHM C . 12.17 9.27 -7.69
O1 A1EHM C . 12.51 10.26 -8.37
N9 A1EHM C . 6.78 6.69 -8.74
O3 A1EHM C . 12.62 8.98 -6.55
S5 A1EHM C . 11.13 8.60 -10.07
S SO4 D . 19.64 14.52 -9.65
O1 SO4 D . 19.69 15.90 -9.27
O2 SO4 D . 20.01 14.41 -11.03
O3 SO4 D . 20.55 13.76 -8.85
O4 SO4 D . 18.31 14.02 -9.47
P TYM E . -9.63 -15.69 8.45
O1P TYM E . -10.55 -15.34 7.34
O2P TYM E . -8.58 -16.71 8.20
O5' TYM E . -10.51 -16.29 9.65
C5' TYM E . -11.76 -15.67 10.00
C4' TYM E . -11.86 -15.55 11.49
O4' TYM E . -11.94 -16.87 12.09
C1' TYM E . -10.99 -17.01 13.11
N9 TYM E . -10.56 -18.40 13.15
C4 TYM E . -10.72 -19.30 14.17
N3 TYM E . -11.29 -19.09 15.37
C2 TYM E . -11.27 -20.20 16.11
N1 TYM E . -10.76 -21.39 15.82
C6 TYM E . -10.19 -21.58 14.61
N6 TYM E . -9.69 -22.77 14.32
C5 TYM E . -10.15 -20.48 13.73
N7 TYM E . -9.65 -20.33 12.45
C8 TYM E . -9.92 -19.08 12.15
C2' TYM E . -9.89 -16.02 12.78
O2' TYM E . -9.15 -15.64 13.92
C3' TYM E . -10.68 -14.85 12.19
O3' TYM E . -11.16 -13.97 13.20
NH3 TYM E . -6.87 -11.58 8.82
CA TYM E . -8.23 -12.15 8.96
CB TYM E . -9.27 -11.33 8.20
CG TYM E . -9.22 -9.86 8.42
CD2 TYM E . -9.66 -9.15 9.59
CE2 TYM E . -9.44 -7.78 9.35
CE3 TYM E . -10.22 -9.53 10.82
CD1 TYM E . -8.76 -8.90 7.56
NE1 TYM E . -8.89 -7.66 8.11
CZ2 TYM E . -9.75 -6.79 10.29
CZ3 TYM E . -10.53 -8.56 11.74
CH2 TYM E . -10.30 -7.21 11.48
C TYM E . -8.21 -13.57 8.45
O TYM E . -7.60 -13.90 7.49
OPP TYM E . -9.01 -14.38 9.14
S SO4 F . -6.16 -21.21 7.87
O1 SO4 F . -7.41 -21.48 8.55
O2 SO4 F . -5.10 -21.11 8.84
O3 SO4 F . -5.89 -22.27 6.96
O4 SO4 F . -6.27 -19.97 7.16
#